data_9NY6
#
_entry.id   9NY6
#
_entity_poly.entity_id   1
_entity_poly.type   'polypeptide(L)'
_entity_poly.pdbx_seq_one_letter_code
;MATYVETDAAGPGGRAYVVDVPKVFRRNADGDLIEITSDAGRVNTNIVTATEFLPDYYAVKENAALVVENVTASFPENPS
EAVIPSVLVNTLVGAPGETSGGNRDPGHVIGLFSETMIEAPCGTAFGSEFRVDPRREHLDVYVAIKHVIGPDDQNGGTIG
DYIIEQFDDMRGPVQNIGSLQQNYLDPRLVTTHLGGNVVNTQQLTQNITLTKQQSGWFFMSQGTTEITVTLGPDVTPGCH
FHFIQGSAAKIKFAVSPDKAWYAKGNQTETDGQFGECTIRVYPFGGTVGTFKSAA
;
_entity_poly.pdbx_strand_id   C,D,E
#
# COMPACT_ATOMS: atom_id res chain seq x y z
N ALA A 2 -17.43 -8.15 -43.46
CA ALA A 2 -17.33 -6.78 -43.93
C ALA A 2 -18.50 -5.95 -43.41
N THR A 3 -18.91 -4.96 -44.22
CA THR A 3 -20.04 -4.07 -43.94
C THR A 3 -19.79 -3.18 -42.74
N TYR A 4 -20.46 -2.03 -42.72
CA TYR A 4 -20.41 -1.10 -41.61
C TYR A 4 -21.69 -1.23 -40.79
N VAL A 5 -21.54 -1.28 -39.47
CA VAL A 5 -22.68 -1.48 -38.59
C VAL A 5 -22.66 -0.44 -37.47
N GLU A 6 -23.82 -0.25 -36.86
CA GLU A 6 -23.95 0.60 -35.68
C GLU A 6 -23.87 -0.30 -34.45
N THR A 7 -22.65 -0.73 -34.15
CA THR A 7 -22.45 -1.78 -33.16
C THR A 7 -22.68 -1.30 -31.73
N ASP A 8 -22.46 -0.01 -31.47
CA ASP A 8 -22.50 0.62 -30.15
C ASP A 8 -21.37 0.15 -29.25
N ALA A 9 -20.54 -0.78 -29.71
CA ALA A 9 -19.35 -1.18 -28.98
C ALA A 9 -18.17 -0.26 -29.24
N ALA A 10 -18.32 0.70 -30.15
CA ALA A 10 -17.30 1.71 -30.42
C ALA A 10 -17.66 3.06 -29.83
N GLY A 11 -18.41 3.06 -28.73
CA GLY A 11 -18.87 4.29 -28.13
C GLY A 11 -20.38 4.40 -28.22
N PRO A 12 -20.94 5.46 -27.64
CA PRO A 12 -22.39 5.67 -27.74
C PRO A 12 -22.88 5.80 -29.18
N GLY A 13 -22.07 6.38 -30.07
CA GLY A 13 -22.46 6.51 -31.46
C GLY A 13 -22.49 5.20 -32.21
N GLY A 14 -21.32 4.59 -32.39
CA GLY A 14 -21.19 3.34 -33.12
C GLY A 14 -20.42 3.54 -34.42
N ARG A 15 -20.98 3.00 -35.50
CA ARG A 15 -20.43 3.18 -36.85
C ARG A 15 -19.00 2.65 -36.93
N ALA A 16 -18.87 1.36 -36.72
CA ALA A 16 -17.59 0.66 -36.84
C ALA A 16 -17.64 -0.32 -38.01
N TYR A 17 -16.48 -0.86 -38.34
CA TYR A 17 -16.33 -1.84 -39.40
C TYR A 17 -16.02 -3.18 -38.76
N VAL A 18 -16.68 -4.24 -39.23
CA VAL A 18 -16.64 -5.53 -38.56
C VAL A 18 -16.26 -6.62 -39.55
N VAL A 19 -15.36 -7.50 -39.13
CA VAL A 19 -15.02 -8.71 -39.86
C VAL A 19 -15.48 -9.91 -39.03
N ASP A 20 -16.13 -10.85 -39.70
CA ASP A 20 -16.86 -11.92 -39.03
C ASP A 20 -16.02 -13.18 -38.82
N VAL A 21 -14.70 -13.08 -38.91
CA VAL A 21 -13.84 -14.22 -38.63
C VAL A 21 -12.75 -13.80 -37.66
N PRO A 22 -12.23 -14.71 -36.83
CA PRO A 22 -11.25 -14.31 -35.80
C PRO A 22 -9.83 -14.10 -36.33
N LYS A 23 -9.56 -14.40 -37.60
CA LYS A 23 -8.23 -14.23 -38.17
C LYS A 23 -8.33 -13.51 -39.50
N VAL A 24 -7.51 -12.48 -39.69
CA VAL A 24 -7.41 -11.79 -40.97
C VAL A 24 -5.94 -11.80 -41.38
N PHE A 25 -5.71 -11.70 -42.69
CA PHE A 25 -4.37 -11.80 -43.24
C PHE A 25 -4.15 -10.69 -44.27
N ARG A 26 -2.94 -10.64 -44.79
CA ARG A 26 -2.57 -9.64 -45.79
C ARG A 26 -1.44 -10.19 -46.63
N ARG A 27 -1.56 -10.09 -47.95
CA ARG A 27 -0.54 -10.62 -48.85
C ARG A 27 0.50 -9.53 -49.12
N ASN A 28 1.76 -9.85 -48.80
CA ASN A 28 2.84 -8.89 -48.95
C ASN A 28 3.38 -8.91 -50.38
N ALA A 29 4.52 -8.27 -50.60
CA ALA A 29 5.09 -8.19 -51.94
C ALA A 29 5.52 -9.56 -52.44
N ASP A 30 6.11 -10.39 -51.57
CA ASP A 30 6.61 -11.69 -51.99
C ASP A 30 5.48 -12.59 -52.46
N GLY A 31 4.36 -12.59 -51.74
CA GLY A 31 3.23 -13.39 -52.15
C GLY A 31 2.66 -14.29 -51.06
N ASP A 32 3.34 -14.36 -49.92
CA ASP A 32 2.88 -15.17 -48.80
C ASP A 32 2.09 -14.31 -47.81
N LEU A 33 1.24 -14.98 -47.05
CA LEU A 33 0.32 -14.28 -46.16
C LEU A 33 1.01 -13.92 -44.85
N ILE A 34 0.72 -12.71 -44.36
CA ILE A 34 1.17 -12.24 -43.06
C ILE A 34 -0.06 -11.87 -42.25
N GLU A 35 -0.14 -12.37 -41.03
CA GLU A 35 -1.30 -12.09 -40.20
C GLU A 35 -1.28 -10.66 -39.69
N ILE A 36 -2.44 -10.02 -39.70
CA ILE A 36 -2.58 -8.69 -39.12
C ILE A 36 -2.92 -8.78 -37.63
N THR A 37 -3.78 -9.72 -37.26
CA THR A 37 -4.20 -9.90 -35.88
C THR A 37 -3.11 -10.67 -35.12
N SER A 38 -3.43 -11.06 -33.89
CA SER A 38 -2.53 -11.86 -33.07
C SER A 38 -3.36 -12.61 -32.04
N ASP A 39 -2.83 -13.75 -31.60
CA ASP A 39 -3.48 -14.52 -30.53
C ASP A 39 -2.40 -15.36 -29.86
N ALA A 40 -1.95 -14.90 -28.69
CA ALA A 40 -0.96 -15.63 -27.93
C ALA A 40 -1.63 -16.53 -26.91
N GLY A 41 -0.93 -17.60 -26.53
CA GLY A 41 -1.47 -18.54 -25.57
C GLY A 41 -1.37 -18.04 -24.14
N ARG A 42 -1.13 -18.96 -23.20
CA ARG A 42 -1.00 -18.61 -21.80
C ARG A 42 0.41 -18.19 -21.42
N VAL A 43 1.35 -18.21 -22.36
CA VAL A 43 2.74 -17.84 -22.11
C VAL A 43 3.12 -16.72 -23.07
N ASN A 44 3.75 -15.68 -22.54
CA ASN A 44 4.17 -14.53 -23.33
C ASN A 44 5.61 -14.17 -22.99
N THR A 45 6.38 -13.84 -24.02
CA THR A 45 7.79 -13.51 -23.84
C THR A 45 8.13 -12.31 -24.72
N ASN A 46 8.86 -11.36 -24.14
CA ASN A 46 9.28 -10.17 -24.87
C ASN A 46 10.74 -9.86 -24.55
N ILE A 47 11.49 -9.45 -25.56
CA ILE A 47 12.88 -9.03 -25.42
C ILE A 47 12.98 -7.60 -25.96
N VAL A 48 13.57 -6.72 -25.15
CA VAL A 48 13.61 -5.29 -25.45
C VAL A 48 15.06 -4.83 -25.48
N THR A 49 15.44 -4.12 -26.54
CA THR A 49 16.74 -3.46 -26.62
C THR A 49 16.50 -1.98 -26.32
N ALA A 50 16.58 -1.63 -25.03
CA ALA A 50 16.18 -0.30 -24.59
C ALA A 50 17.13 0.78 -25.11
N THR A 51 16.54 1.88 -25.57
CA THR A 51 17.28 3.05 -25.98
C THR A 51 17.42 4.00 -24.80
N GLU A 52 17.82 5.24 -25.06
CA GLU A 52 18.03 6.22 -24.01
C GLU A 52 16.73 6.49 -23.23
N PHE A 53 16.88 7.17 -22.10
CA PHE A 53 15.77 7.46 -21.21
C PHE A 53 14.73 8.34 -21.89
N LEU A 54 13.46 7.94 -21.79
CA LEU A 54 12.35 8.69 -22.39
C LEU A 54 11.13 8.51 -21.50
N PRO A 55 10.78 9.51 -20.69
CA PRO A 55 9.64 9.42 -19.78
C PRO A 55 8.31 9.77 -20.44
N ASP A 56 8.07 9.20 -21.62
CA ASP A 56 6.84 9.44 -22.36
C ASP A 56 5.99 8.18 -22.36
N TYR A 57 4.71 8.34 -22.02
CA TYR A 57 3.82 7.19 -21.90
C TYR A 57 3.69 6.45 -23.23
N TYR A 58 3.61 7.20 -24.34
CA TYR A 58 3.61 6.56 -25.66
C TYR A 58 4.91 5.81 -25.89
N ALA A 59 6.04 6.38 -25.46
CA ALA A 59 7.31 5.66 -25.56
C ALA A 59 7.38 4.53 -24.54
N VAL A 60 6.80 4.73 -23.36
CA VAL A 60 6.85 3.70 -22.31
C VAL A 60 6.13 2.44 -22.78
N LYS A 61 4.94 2.60 -23.36
CA LYS A 61 4.16 1.44 -23.77
C LYS A 61 4.81 0.67 -24.91
N GLU A 62 5.76 1.27 -25.62
CA GLU A 62 6.48 0.57 -26.68
C GLU A 62 7.40 -0.52 -26.14
N ASN A 63 7.73 -0.49 -24.86
CA ASN A 63 8.64 -1.47 -24.26
C ASN A 63 7.94 -2.47 -23.36
N ALA A 64 6.66 -2.29 -23.08
CA ALA A 64 5.95 -3.21 -22.21
C ALA A 64 5.66 -4.52 -22.93
N ALA A 65 5.58 -5.60 -22.14
CA ALA A 65 5.27 -6.92 -22.68
C ALA A 65 3.78 -7.22 -22.74
N LEU A 66 2.96 -6.41 -22.06
CA LEU A 66 1.52 -6.61 -22.06
C LEU A 66 0.88 -5.28 -21.68
N VAL A 67 0.19 -4.66 -22.64
CA VAL A 67 -0.45 -3.36 -22.44
C VAL A 67 -1.96 -3.58 -22.41
N VAL A 68 -2.60 -3.10 -21.35
CA VAL A 68 -4.03 -3.26 -21.16
C VAL A 68 -4.65 -1.88 -20.97
N GLU A 69 -5.65 -1.55 -21.80
CA GLU A 69 -6.39 -0.32 -21.68
C GLU A 69 -7.88 -0.61 -21.58
N ASN A 70 -8.61 0.32 -20.99
CA ASN A 70 -10.06 0.17 -20.85
C ASN A 70 -10.66 1.57 -20.76
N VAL A 71 -11.35 1.99 -21.81
CA VAL A 71 -11.88 3.34 -21.92
C VAL A 71 -13.38 3.30 -21.67
N THR A 72 -13.85 4.15 -20.77
CA THR A 72 -15.27 4.27 -20.44
C THR A 72 -15.80 5.54 -21.08
N ALA A 73 -16.80 5.38 -21.95
CA ALA A 73 -17.41 6.49 -22.66
C ALA A 73 -18.91 6.54 -22.35
N SER A 74 -19.42 7.74 -22.14
CA SER A 74 -20.83 7.91 -21.82
C SER A 74 -21.31 9.26 -22.34
N PHE A 75 -22.62 9.41 -22.45
CA PHE A 75 -23.19 10.67 -22.87
C PHE A 75 -23.04 11.71 -21.78
N PRO A 76 -22.84 12.98 -22.15
CA PRO A 76 -22.68 14.03 -21.12
C PRO A 76 -23.87 14.15 -20.19
N GLU A 77 -25.09 13.97 -20.69
CA GLU A 77 -26.28 14.08 -19.86
C GLU A 77 -26.58 12.82 -19.08
N ASN A 78 -25.97 11.69 -19.43
CA ASN A 78 -26.20 10.41 -18.77
C ASN A 78 -24.87 9.76 -18.44
N PRO A 79 -24.18 10.24 -17.41
CA PRO A 79 -22.94 9.58 -16.98
C PRO A 79 -23.22 8.19 -16.43
N SER A 80 -22.24 7.30 -16.62
CA SER A 80 -22.38 5.92 -16.22
C SER A 80 -22.37 5.79 -14.69
N GLU A 81 -22.89 4.64 -14.22
CA GLU A 81 -22.93 4.35 -12.80
C GLU A 81 -22.52 2.90 -12.50
N ALA A 82 -21.87 2.24 -13.46
CA ALA A 82 -21.49 0.85 -13.29
C ALA A 82 -20.06 0.76 -12.73
N VAL A 83 -19.53 -0.45 -12.62
CA VAL A 83 -18.19 -0.70 -12.12
C VAL A 83 -17.35 -1.23 -13.27
N ILE A 84 -16.20 -0.60 -13.50
CA ILE A 84 -15.37 -0.91 -14.65
C ILE A 84 -13.98 -1.31 -14.18
N PRO A 85 -13.69 -2.60 -14.02
CA PRO A 85 -12.33 -3.03 -13.68
C PRO A 85 -11.51 -3.21 -14.95
N SER A 86 -10.34 -2.57 -14.98
CA SER A 86 -9.46 -2.70 -16.14
C SER A 86 -8.96 -4.12 -16.29
N VAL A 87 -8.53 -4.74 -15.20
CA VAL A 87 -8.07 -6.12 -15.18
C VAL A 87 -8.76 -6.84 -14.05
N LEU A 88 -9.37 -7.98 -14.35
CA LEU A 88 -10.05 -8.81 -13.36
C LEU A 88 -9.36 -10.16 -13.29
N VAL A 89 -8.85 -10.50 -12.11
CA VAL A 89 -8.20 -11.79 -11.88
C VAL A 89 -8.97 -12.50 -10.77
N ASN A 90 -9.34 -13.75 -11.01
CA ASN A 90 -10.12 -14.55 -10.08
C ASN A 90 -9.32 -15.79 -9.69
N THR A 91 -9.29 -16.07 -8.39
CA THR A 91 -8.61 -17.25 -7.87
C THR A 91 -9.68 -18.15 -7.23
N LEU A 92 -10.13 -19.14 -7.99
CA LEU A 92 -11.18 -20.05 -7.53
C LEU A 92 -10.58 -21.37 -7.10
N VAL A 93 -10.91 -21.79 -5.88
CA VAL A 93 -10.51 -23.09 -5.35
C VAL A 93 -11.79 -23.92 -5.17
N GLY A 94 -11.78 -25.14 -5.71
CA GLY A 94 -12.91 -26.02 -5.58
C GLY A 94 -14.00 -25.71 -6.59
N ALA A 95 -14.39 -26.70 -7.38
CA ALA A 95 -15.42 -26.47 -8.39
C ALA A 95 -16.75 -26.18 -7.72
N PRO A 96 -17.48 -25.16 -8.17
CA PRO A 96 -18.77 -24.82 -7.54
C PRO A 96 -19.72 -26.00 -7.57
N GLY A 97 -20.49 -26.14 -6.48
CA GLY A 97 -21.35 -27.29 -6.32
C GLY A 97 -20.69 -28.52 -5.77
N GLU A 98 -19.45 -28.40 -5.32
CA GLU A 98 -18.71 -29.54 -4.78
C GLU A 98 -17.65 -29.04 -3.81
N THR A 99 -17.49 -29.75 -2.70
CA THR A 99 -16.55 -29.38 -1.65
C THR A 99 -15.26 -30.20 -1.72
N SER A 100 -15.08 -30.97 -2.79
CA SER A 100 -13.94 -31.89 -2.87
C SER A 100 -12.63 -31.13 -2.96
N GLY A 101 -11.63 -31.62 -2.22
CA GLY A 101 -10.28 -31.13 -2.35
C GLY A 101 -10.02 -29.79 -1.67
N GLY A 102 -8.81 -29.30 -1.90
CA GLY A 102 -8.37 -28.05 -1.31
C GLY A 102 -6.87 -27.95 -1.37
N ASN A 103 -6.33 -27.04 -0.56
CA ASN A 103 -4.90 -26.79 -0.49
C ASN A 103 -4.47 -26.75 0.96
N ARG A 104 -3.39 -27.45 1.30
CA ARG A 104 -2.88 -27.51 2.65
C ARG A 104 -1.83 -26.41 2.86
N ASP A 105 -1.09 -26.49 3.96
CA ASP A 105 -0.05 -25.51 4.25
C ASP A 105 1.06 -25.46 3.19
N PRO A 106 1.63 -26.58 2.74
CA PRO A 106 2.77 -26.46 1.81
C PRO A 106 2.46 -25.73 0.53
N GLY A 107 1.23 -25.83 0.01
CA GLY A 107 0.82 -25.16 -1.21
C GLY A 107 -0.10 -24.00 -0.89
N HIS A 108 0.23 -22.83 -1.43
CA HIS A 108 -0.55 -21.62 -1.24
C HIS A 108 -1.00 -21.08 -2.59
N VAL A 109 -2.30 -20.86 -2.72
CA VAL A 109 -2.84 -20.25 -3.94
C VAL A 109 -2.62 -18.75 -3.89
N ILE A 110 -2.04 -18.20 -4.95
CA ILE A 110 -1.66 -16.79 -5.01
C ILE A 110 -2.47 -16.12 -6.11
N GLY A 111 -3.17 -15.05 -5.75
CA GLY A 111 -3.95 -14.32 -6.75
C GLY A 111 -3.08 -13.65 -7.79
N LEU A 112 -2.01 -12.99 -7.36
CA LEU A 112 -1.09 -12.31 -8.25
C LEU A 112 0.34 -12.56 -7.79
N PHE A 113 1.20 -12.98 -8.70
CA PHE A 113 2.60 -13.26 -8.41
C PHE A 113 3.47 -12.25 -9.12
N SER A 114 4.34 -11.58 -8.36
CA SER A 114 5.33 -10.66 -8.91
C SER A 114 6.68 -11.01 -8.34
N GLU A 115 7.68 -11.16 -9.21
CA GLU A 115 9.02 -11.54 -8.78
C GLU A 115 10.03 -11.04 -9.79
N THR A 116 11.30 -11.04 -9.38
CA THR A 116 12.38 -10.50 -10.20
C THR A 116 13.64 -11.34 -10.07
N MET A 117 14.32 -11.54 -11.19
CA MET A 117 15.66 -12.09 -11.24
C MET A 117 16.65 -10.97 -11.56
N ILE A 118 17.83 -11.04 -10.96
CA ILE A 118 18.89 -10.06 -11.19
C ILE A 118 20.10 -10.79 -11.76
N GLU A 119 20.51 -10.39 -12.96
CA GLU A 119 21.69 -10.97 -13.59
C GLU A 119 22.64 -9.92 -14.16
N ALA A 120 22.26 -8.65 -14.16
CA ALA A 120 23.09 -7.57 -14.68
C ALA A 120 23.01 -6.41 -13.70
N PRO A 121 24.03 -5.54 -13.69
CA PRO A 121 23.98 -4.37 -12.79
C PRO A 121 22.77 -3.50 -13.03
N CYS A 122 21.89 -3.44 -12.04
CA CYS A 122 20.62 -2.72 -12.14
C CYS A 122 20.62 -1.53 -11.18
N GLY A 123 20.18 -0.38 -11.69
CA GLY A 123 20.11 0.82 -10.87
C GLY A 123 19.06 0.75 -9.80
N THR A 124 17.78 0.70 -10.21
CA THR A 124 16.69 0.61 -9.26
C THR A 124 15.56 -0.21 -9.89
N ALA A 125 14.77 -0.86 -9.04
CA ALA A 125 13.70 -1.73 -9.48
C ALA A 125 12.41 -1.38 -8.75
N PHE A 126 11.30 -1.42 -9.45
CA PHE A 126 9.99 -1.10 -8.91
C PHE A 126 9.12 -2.35 -8.88
N GLY A 127 8.64 -2.71 -7.68
CA GLY A 127 7.69 -3.79 -7.58
C GLY A 127 6.29 -3.44 -8.04
N SER A 128 5.94 -2.16 -8.01
CA SER A 128 4.65 -1.67 -8.46
C SER A 128 4.74 -0.15 -8.59
N GLU A 129 3.69 0.43 -9.16
CA GLU A 129 3.60 1.89 -9.29
C GLU A 129 2.15 2.25 -9.53
N PHE A 130 1.68 3.30 -8.84
CA PHE A 130 0.29 3.74 -8.92
C PHE A 130 0.28 5.22 -9.26
N ARG A 131 0.26 5.52 -10.55
CA ARG A 131 0.23 6.90 -11.01
C ARG A 131 -1.21 7.37 -11.21
N VAL A 132 -1.39 8.69 -11.22
CA VAL A 132 -2.67 9.30 -11.52
C VAL A 132 -2.44 10.67 -12.14
N ASP A 133 -3.10 10.94 -13.27
CA ASP A 133 -2.93 12.18 -14.02
C ASP A 133 -4.29 12.85 -14.21
N PRO A 134 -4.70 13.73 -13.30
CA PRO A 134 -5.95 14.47 -13.52
C PRO A 134 -5.80 15.49 -14.62
N ARG A 135 -5.82 15.01 -15.87
CA ARG A 135 -5.43 15.84 -17.01
C ARG A 135 -6.38 17.03 -17.19
N ARG A 136 -7.68 16.79 -17.15
CA ARG A 136 -8.58 17.87 -17.52
C ARG A 136 -9.67 18.15 -16.50
N GLU A 137 -10.24 17.12 -15.87
CA GLU A 137 -11.42 17.29 -15.04
C GLU A 137 -11.12 16.96 -13.58
N HIS A 138 -12.15 17.08 -12.76
CA HIS A 138 -12.02 16.95 -11.30
C HIS A 138 -12.42 15.55 -10.86
N LEU A 139 -11.58 14.96 -10.01
CA LEU A 139 -11.85 13.65 -9.41
C LEU A 139 -12.11 13.83 -7.92
N ASP A 140 -13.13 13.14 -7.42
CA ASP A 140 -13.51 13.32 -6.01
C ASP A 140 -12.57 12.58 -5.07
N VAL A 141 -12.48 11.25 -5.22
CA VAL A 141 -11.73 10.42 -4.28
C VAL A 141 -10.86 9.45 -5.06
N TYR A 142 -9.62 9.28 -4.60
CA TYR A 142 -8.69 8.30 -5.15
C TYR A 142 -8.26 7.35 -4.04
N VAL A 143 -8.26 6.06 -4.33
CA VAL A 143 -7.85 5.03 -3.40
C VAL A 143 -6.84 4.12 -4.09
N ALA A 144 -5.68 3.92 -3.45
CA ALA A 144 -4.66 3.06 -4.03
C ALA A 144 -4.98 1.58 -3.78
N ILE A 145 -5.20 1.21 -2.53
CA ILE A 145 -5.54 -0.16 -2.15
C ILE A 145 -6.79 -0.12 -1.29
N LYS A 146 -7.75 -0.99 -1.59
CA LYS A 146 -9.06 -0.95 -0.94
C LYS A 146 -9.51 -2.39 -0.72
N HIS A 147 -9.45 -2.85 0.53
CA HIS A 147 -9.70 -4.24 0.88
C HIS A 147 -11.18 -4.46 1.15
N VAL A 148 -11.75 -5.52 0.59
CA VAL A 148 -13.17 -5.81 0.68
C VAL A 148 -13.35 -7.21 1.24
N ILE A 149 -14.25 -7.36 2.20
CA ILE A 149 -14.59 -8.64 2.79
C ILE A 149 -16.08 -8.88 2.56
N GLY A 150 -16.40 -10.04 1.97
CA GLY A 150 -17.77 -10.41 1.70
C GLY A 150 -18.61 -10.48 2.95
N PRO A 151 -19.80 -9.87 2.91
CA PRO A 151 -20.69 -9.92 4.07
C PRO A 151 -21.17 -11.33 4.36
N ASP A 152 -21.39 -11.61 5.65
CA ASP A 152 -21.70 -12.97 6.08
C ASP A 152 -23.10 -13.39 5.65
N ASP A 153 -24.00 -12.44 5.40
CA ASP A 153 -25.33 -12.79 4.92
C ASP A 153 -25.25 -13.50 3.57
N GLN A 154 -24.25 -13.16 2.75
CA GLN A 154 -24.00 -13.83 1.49
C GLN A 154 -22.81 -14.77 1.56
N ASN A 155 -22.18 -14.93 2.73
CA ASN A 155 -21.00 -15.78 2.90
C ASN A 155 -21.21 -16.65 4.13
N GLY A 156 -21.54 -17.93 3.91
CA GLY A 156 -21.71 -18.86 5.00
C GLY A 156 -20.43 -19.41 5.59
N GLY A 157 -19.29 -19.20 4.92
CA GLY A 157 -18.02 -19.68 5.40
C GLY A 157 -17.39 -18.72 6.41
N THR A 158 -16.24 -19.15 6.93
CA THR A 158 -15.50 -18.39 7.94
C THR A 158 -14.06 -18.24 7.52
N ILE A 159 -13.44 -17.16 7.97
CA ILE A 159 -12.02 -16.90 7.75
C ILE A 159 -11.34 -16.85 9.12
N GLY A 160 -10.47 -17.81 9.38
CA GLY A 160 -9.82 -17.88 10.69
C GLY A 160 -8.89 -16.71 10.95
N ASP A 161 -8.07 -16.36 9.96
CA ASP A 161 -7.08 -15.31 10.11
C ASP A 161 -7.06 -14.42 8.88
N TYR A 162 -6.91 -13.12 9.10
CA TYR A 162 -6.78 -12.14 8.03
C TYR A 162 -5.58 -11.26 8.34
N ILE A 163 -4.70 -11.10 7.36
CA ILE A 163 -3.54 -10.23 7.47
C ILE A 163 -3.57 -9.24 6.32
N ILE A 164 -3.63 -7.95 6.64
CA ILE A 164 -3.64 -6.95 5.58
C ILE A 164 -2.25 -6.80 4.98
N GLU A 165 -1.21 -7.15 5.74
CA GLU A 165 0.16 -7.11 5.26
C GLU A 165 1.08 -7.86 6.22
N GLN A 166 1.88 -8.78 5.70
CA GLN A 166 2.77 -9.59 6.53
C GLN A 166 4.19 -9.48 6.01
N PHE A 167 5.12 -9.21 6.91
CA PHE A 167 6.55 -9.15 6.60
C PHE A 167 7.29 -9.99 7.63
N ASP A 168 7.82 -11.12 7.20
CA ASP A 168 8.49 -12.04 8.11
C ASP A 168 9.90 -11.56 8.42
N ASP A 169 10.57 -12.28 9.32
CA ASP A 169 11.92 -11.97 9.73
C ASP A 169 12.88 -12.97 9.11
N MET A 170 13.92 -12.45 8.45
CA MET A 170 14.93 -13.26 7.77
C MET A 170 16.31 -12.90 8.26
N ARG A 171 16.50 -12.91 9.59
CA ARG A 171 17.80 -12.64 10.18
C ARG A 171 18.86 -13.58 9.62
N GLY A 172 18.55 -14.87 9.53
CA GLY A 172 19.49 -15.86 9.07
C GLY A 172 19.60 -15.98 7.56
N PRO A 173 18.48 -16.29 6.89
CA PRO A 173 18.57 -16.62 5.45
C PRO A 173 19.15 -15.53 4.58
N VAL A 174 18.93 -14.24 4.89
CA VAL A 174 19.45 -13.15 4.07
C VAL A 174 20.33 -12.25 4.92
N GLN A 175 21.48 -11.88 4.36
CA GLN A 175 22.36 -10.90 4.99
C GLN A 175 22.96 -9.94 3.98
N ASN A 176 22.59 -10.03 2.71
CA ASN A 176 23.13 -9.16 1.67
C ASN A 176 22.34 -7.86 1.52
N ILE A 177 21.28 -7.67 2.30
CA ILE A 177 20.46 -6.46 2.22
C ILE A 177 21.10 -5.37 3.06
N GLY A 178 21.29 -4.20 2.46
CA GLY A 178 21.89 -3.08 3.16
C GLY A 178 20.99 -2.49 4.23
N SER A 179 19.86 -1.92 3.81
CA SER A 179 18.95 -1.26 4.75
C SER A 179 17.51 -1.59 4.38
N LEU A 180 16.66 -1.64 5.39
CA LEU A 180 15.22 -1.81 5.22
C LEU A 180 14.54 -0.51 5.63
N GLN A 181 13.76 0.06 4.73
CA GLN A 181 13.18 1.38 4.94
C GLN A 181 11.71 1.38 4.56
N GLN A 182 10.98 2.36 5.11
CA GLN A 182 9.58 2.62 4.75
C GLN A 182 9.39 4.13 4.85
N ASN A 183 9.53 4.81 3.71
CA ASN A 183 9.63 6.26 3.70
C ASN A 183 8.28 6.91 3.45
N TYR A 184 8.01 7.97 4.20
CA TYR A 184 6.87 8.86 3.97
C TYR A 184 7.44 10.27 3.95
N LEU A 185 7.88 10.71 2.78
CA LEU A 185 8.61 11.97 2.65
C LEU A 185 7.70 13.18 2.59
N ASP A 186 6.38 12.99 2.58
CA ASP A 186 5.45 14.12 2.53
C ASP A 186 4.75 14.26 3.88
N PRO A 187 5.10 15.29 4.68
CA PRO A 187 4.39 15.52 5.95
C PRO A 187 2.93 15.91 5.78
N ARG A 188 2.49 16.27 4.56
CA ARG A 188 1.09 16.60 4.35
C ARG A 188 0.17 15.41 4.56
N LEU A 189 0.71 14.20 4.58
CA LEU A 189 -0.11 13.02 4.83
C LEU A 189 -0.72 13.07 6.23
N VAL A 190 -1.98 12.65 6.32
CA VAL A 190 -2.70 12.61 7.59
C VAL A 190 -3.06 11.16 7.84
N THR A 191 -2.20 10.44 8.56
CA THR A 191 -2.49 9.06 8.91
C THR A 191 -3.54 9.00 10.01
N THR A 192 -4.55 8.15 9.81
CA THR A 192 -5.62 7.96 10.78
C THR A 192 -5.64 6.49 11.18
N HIS A 193 -5.40 6.21 12.45
CA HIS A 193 -5.37 4.86 12.98
C HIS A 193 -6.53 4.64 13.94
N LEU A 194 -6.98 3.40 14.06
CA LEU A 194 -8.01 3.05 15.02
C LEU A 194 -7.76 1.71 15.69
N GLY A 195 -6.62 1.07 15.43
CA GLY A 195 -6.32 -0.21 16.05
C GLY A 195 -5.35 -0.09 17.21
N GLY A 196 -4.52 -1.12 17.41
CA GLY A 196 -3.55 -1.13 18.48
C GLY A 196 -2.13 -1.14 17.93
N ASN A 197 -1.18 -0.85 18.82
CA ASN A 197 0.22 -0.77 18.46
C ASN A 197 1.05 -1.52 19.49
N VAL A 198 2.19 -2.06 19.02
CA VAL A 198 3.13 -2.78 19.87
C VAL A 198 4.52 -2.24 19.60
N VAL A 199 5.26 -1.96 20.67
CA VAL A 199 6.61 -1.42 20.58
C VAL A 199 7.59 -2.46 21.11
N ASN A 200 8.68 -2.65 20.37
CA ASN A 200 9.72 -3.60 20.79
C ASN A 200 10.36 -3.12 22.08
N THR A 201 10.62 -4.07 22.98
CA THR A 201 11.19 -3.79 24.28
C THR A 201 12.48 -4.59 24.47
N GLN A 202 13.46 -3.97 25.12
CA GLN A 202 14.77 -4.56 25.30
C GLN A 202 15.23 -4.35 26.73
N GLN A 203 15.93 -5.33 27.28
CA GLN A 203 16.54 -5.23 28.60
C GLN A 203 18.04 -5.02 28.44
N LEU A 204 18.53 -3.87 28.88
CA LEU A 204 19.92 -3.49 28.70
C LEU A 204 20.76 -4.00 29.86
N THR A 205 21.95 -4.54 29.53
CA THR A 205 22.88 -5.01 30.53
C THR A 205 24.33 -4.62 30.26
N GLN A 206 24.67 -4.16 29.06
CA GLN A 206 26.04 -3.81 28.72
C GLN A 206 26.06 -2.51 27.92
N ASN A 207 27.26 -2.15 27.46
CA ASN A 207 27.42 -0.99 26.59
C ASN A 207 26.61 -1.17 25.30
N ILE A 208 25.91 -0.12 24.91
CA ILE A 208 25.08 -0.16 23.71
C ILE A 208 25.30 1.11 22.90
N THR A 209 25.45 0.95 21.58
CA THR A 209 25.49 2.05 20.64
C THR A 209 24.15 2.10 19.90
N LEU A 210 23.36 3.10 20.22
CA LEU A 210 22.03 3.22 19.62
C LEU A 210 22.13 3.56 18.14
N THR A 211 21.26 2.92 17.34
CA THR A 211 21.20 3.19 15.91
C THR A 211 19.76 3.45 15.49
N LYS A 212 19.51 3.50 14.17
CA LYS A 212 18.18 3.80 13.68
C LYS A 212 17.18 2.71 14.03
N GLN A 213 17.61 1.44 14.02
CA GLN A 213 16.68 0.34 14.23
C GLN A 213 16.06 0.36 15.62
N GLN A 214 16.83 0.73 16.64
CA GLN A 214 16.37 0.70 18.01
C GLN A 214 15.57 1.94 18.40
N SER A 215 15.39 2.89 17.49
CA SER A 215 14.66 4.11 17.81
C SER A 215 13.20 3.79 18.11
N GLY A 216 12.62 4.57 19.03
CA GLY A 216 11.24 4.40 19.41
C GLY A 216 10.96 3.25 20.35
N TRP A 217 11.99 2.56 20.83
CA TRP A 217 11.80 1.40 21.69
C TRP A 217 11.76 1.81 23.16
N PHE A 218 11.42 0.85 24.01
CA PHE A 218 11.48 1.00 25.45
C PHE A 218 12.58 0.09 25.98
N PHE A 219 13.56 0.68 26.65
CA PHE A 219 14.72 -0.04 27.13
C PHE A 219 14.65 -0.23 28.65
N MET A 220 15.10 -1.39 29.12
CA MET A 220 15.06 -1.74 30.53
C MET A 220 16.48 -1.87 31.05
N SER A 221 16.76 -1.20 32.17
CA SER A 221 18.06 -1.30 32.82
C SER A 221 18.06 -2.49 33.77
N GLN A 222 18.94 -3.46 33.52
CA GLN A 222 19.02 -4.67 34.31
C GLN A 222 20.46 -4.95 34.67
N GLY A 223 20.66 -5.60 35.81
CA GLY A 223 21.99 -5.92 36.29
C GLY A 223 22.49 -4.97 37.34
N THR A 224 23.81 -4.98 37.53
CA THR A 224 24.45 -4.11 38.51
C THR A 224 25.56 -3.29 37.86
N THR A 225 26.17 -3.85 36.82
CA THR A 225 27.25 -3.16 36.11
C THR A 225 26.73 -1.90 35.43
N GLU A 226 27.59 -0.91 35.31
CA GLU A 226 27.22 0.35 34.67
C GLU A 226 26.87 0.14 33.20
N ILE A 227 25.78 0.77 32.77
CA ILE A 227 25.27 0.65 31.41
C ILE A 227 25.42 1.99 30.73
N THR A 228 26.08 2.00 29.56
CA THR A 228 26.33 3.22 28.82
C THR A 228 25.64 3.16 27.46
N VAL A 229 24.92 4.24 27.13
CA VAL A 229 24.23 4.37 25.85
C VAL A 229 24.94 5.45 25.06
N THR A 230 25.49 5.08 23.90
CA THR A 230 26.23 6.00 23.04
C THR A 230 25.45 6.22 21.76
N LEU A 231 25.24 7.48 21.40
CA LEU A 231 24.50 7.82 20.19
C LEU A 231 25.49 8.05 19.05
N GLY A 232 25.44 7.19 18.04
CA GLY A 232 26.34 7.26 16.92
C GLY A 232 25.96 8.32 15.92
N PRO A 233 26.87 8.64 14.99
CA PRO A 233 26.56 9.62 13.94
C PRO A 233 25.29 9.33 13.16
N ASP A 234 24.92 8.06 13.00
CA ASP A 234 23.80 7.71 12.12
C ASP A 234 22.46 8.21 12.65
N VAL A 235 22.37 8.47 13.96
CA VAL A 235 21.09 8.81 14.58
C VAL A 235 20.66 10.18 14.05
N THR A 236 19.67 10.19 13.17
CA THR A 236 19.14 11.41 12.57
C THR A 236 18.24 12.14 13.56
N PRO A 237 18.11 13.45 13.42
CA PRO A 237 17.23 14.21 14.32
C PRO A 237 15.78 13.76 14.21
N GLY A 238 15.05 13.89 15.32
CA GLY A 238 13.65 13.57 15.39
C GLY A 238 13.34 12.25 16.07
N CYS A 239 14.32 11.37 16.22
CA CYS A 239 14.10 10.09 16.88
C CYS A 239 13.89 10.28 18.37
N HIS A 240 13.15 9.34 18.98
CA HIS A 240 12.87 9.36 20.40
C HIS A 240 13.18 8.00 21.01
N PHE A 241 13.72 8.02 22.22
CA PHE A 241 14.05 6.80 22.95
C PHE A 241 13.62 6.97 24.40
N HIS A 242 13.28 5.84 25.03
CA HIS A 242 12.87 5.83 26.43
C HIS A 242 13.68 4.80 27.20
N PHE A 243 14.11 5.16 28.41
CA PHE A 243 14.88 4.29 29.27
C PHE A 243 14.30 4.32 30.68
N ILE A 244 14.20 3.16 31.31
CA ILE A 244 13.75 3.04 32.69
C ILE A 244 14.79 2.23 33.47
N GLN A 245 15.17 2.75 34.64
CA GLN A 245 16.17 2.09 35.48
C GLN A 245 15.45 1.27 36.54
N GLY A 246 15.27 -0.01 36.27
CA GLY A 246 14.61 -0.92 37.19
C GLY A 246 15.47 -1.52 38.26
N SER A 247 16.77 -1.18 38.28
CA SER A 247 17.69 -1.71 39.27
C SER A 247 18.58 -0.57 39.75
N ALA A 248 19.64 -0.92 40.48
CA ALA A 248 20.59 0.05 40.99
C ALA A 248 21.70 0.37 40.00
N ALA A 249 21.72 -0.28 38.84
CA ALA A 249 22.76 -0.03 37.86
C ALA A 249 22.59 1.35 37.25
N LYS A 250 23.64 2.16 37.30
CA LYS A 250 23.58 3.51 36.78
C LYS A 250 23.58 3.49 35.25
N ILE A 251 23.08 4.57 34.66
CA ILE A 251 23.03 4.73 33.21
C ILE A 251 23.80 5.98 32.82
N LYS A 252 24.80 5.81 31.96
CA LYS A 252 25.53 6.92 31.35
C LYS A 252 25.06 7.15 29.93
N PHE A 253 25.15 8.40 29.50
CA PHE A 253 24.75 8.81 28.15
C PHE A 253 25.92 9.51 27.48
N ALA A 254 26.24 9.10 26.25
CA ALA A 254 27.32 9.69 25.48
C ALA A 254 26.82 10.02 24.08
N VAL A 255 27.34 11.12 23.54
CA VAL A 255 26.93 11.61 22.24
C VAL A 255 28.15 11.70 21.33
N SER A 256 27.91 11.60 20.03
CA SER A 256 28.97 11.73 19.06
C SER A 256 29.52 13.16 19.07
N PRO A 257 30.78 13.35 18.68
CA PRO A 257 31.35 14.71 18.67
C PRO A 257 30.64 15.66 17.72
N ASP A 258 29.89 15.15 16.74
CA ASP A 258 29.21 16.02 15.80
C ASP A 258 27.99 16.71 16.42
N LYS A 259 27.54 16.27 17.59
CA LYS A 259 26.40 16.88 18.25
C LYS A 259 26.71 17.06 19.74
N ALA A 260 26.00 18.01 20.35
CA ALA A 260 26.19 18.34 21.75
C ALA A 260 25.04 17.78 22.59
N TRP A 261 25.39 17.23 23.75
CA TRP A 261 24.40 16.67 24.66
C TRP A 261 23.66 17.80 25.39
N TYR A 262 22.35 17.61 25.57
CA TYR A 262 21.52 18.58 26.25
C TYR A 262 20.63 17.83 27.23
N ALA A 263 20.48 18.37 28.43
CA ALA A 263 19.64 17.77 29.46
C ALA A 263 19.22 18.87 30.44
N LYS A 264 18.66 18.45 31.57
CA LYS A 264 18.28 19.38 32.63
C LYS A 264 19.45 19.55 33.60
N GLY A 265 20.00 20.75 33.66
CA GLY A 265 21.13 21.00 34.52
C GLY A 265 22.40 20.26 34.14
N ASN A 266 22.54 19.91 32.85
CA ASN A 266 23.70 19.16 32.35
C ASN A 266 23.88 17.85 33.12
N GLN A 267 22.76 17.18 33.41
CA GLN A 267 22.78 15.91 34.12
C GLN A 267 23.01 14.81 33.09
N THR A 268 24.23 14.28 33.03
CA THR A 268 24.61 13.30 32.03
C THR A 268 24.44 11.86 32.51
N GLU A 269 23.64 11.64 33.56
CA GLU A 269 23.41 10.30 34.06
C GLU A 269 22.08 10.28 34.81
N THR A 270 21.58 9.07 35.05
CA THR A 270 20.35 8.92 35.81
C THR A 270 20.63 9.13 37.30
N ASP A 271 19.56 9.27 38.07
CA ASP A 271 19.66 9.51 39.50
C ASP A 271 19.54 8.26 40.34
N GLY A 272 18.84 7.24 39.87
CA GLY A 272 18.69 6.02 40.64
C GLY A 272 17.61 5.14 40.03
N GLN A 273 17.14 4.18 40.83
CA GLN A 273 16.11 3.27 40.37
C GLN A 273 14.84 4.03 40.01
N PHE A 274 14.15 3.54 38.97
CA PHE A 274 12.95 4.18 38.42
C PHE A 274 13.22 5.58 37.89
N GLY A 275 14.49 5.90 37.61
CA GLY A 275 14.81 7.17 36.98
C GLY A 275 14.76 7.07 35.48
N GLU A 276 13.65 7.47 34.89
CA GLU A 276 13.43 7.33 33.46
C GLU A 276 14.04 8.50 32.70
N CYS A 277 14.65 8.19 31.55
CA CYS A 277 15.26 9.19 30.70
C CYS A 277 14.68 9.05 29.30
N THR A 278 14.12 10.13 28.78
CA THR A 278 13.60 10.17 27.42
C THR A 278 14.53 11.05 26.58
N ILE A 279 15.12 10.46 25.56
CA ILE A 279 16.09 11.14 24.71
C ILE A 279 15.42 11.50 23.39
N ARG A 280 15.48 12.78 23.04
CA ARG A 280 14.90 13.27 21.79
C ARG A 280 15.96 14.08 21.04
N VAL A 281 16.25 13.67 19.82
CA VAL A 281 17.26 14.36 19.01
C VAL A 281 16.56 15.37 18.10
N TYR A 282 17.28 16.43 17.79
CA TYR A 282 16.77 17.57 17.04
C TYR A 282 17.89 18.14 16.19
N PRO A 283 17.56 18.82 15.09
CA PRO A 283 18.59 19.33 14.18
C PRO A 283 19.54 20.29 14.87
N PHE A 284 20.62 20.60 14.15
CA PHE A 284 21.73 21.39 14.69
C PHE A 284 22.37 20.70 15.89
N GLY A 285 22.28 19.38 15.94
CA GLY A 285 22.93 18.61 16.99
C GLY A 285 22.33 18.75 18.36
N GLY A 286 21.02 19.03 18.46
CA GLY A 286 20.42 19.20 19.77
C GLY A 286 19.80 17.93 20.32
N THR A 287 20.53 17.22 21.18
CA THR A 287 20.05 15.98 21.77
C THR A 287 19.61 16.26 23.20
N VAL A 288 18.31 16.40 23.41
CA VAL A 288 17.76 16.72 24.71
C VAL A 288 17.43 15.45 25.45
N GLY A 289 17.58 15.48 26.78
CA GLY A 289 17.22 14.36 27.62
C GLY A 289 16.38 14.77 28.80
N THR A 290 15.15 14.27 28.85
CA THR A 290 14.25 14.53 29.97
C THR A 290 14.45 13.45 31.02
N PHE A 291 14.82 13.87 32.23
CA PHE A 291 15.16 12.96 33.32
C PHE A 291 14.05 12.97 34.36
N LYS A 292 13.61 11.79 34.77
CA LYS A 292 12.60 11.63 35.80
C LYS A 292 13.26 11.27 37.13
N SER A 293 12.75 11.83 38.21
CA SER A 293 13.31 11.58 39.53
C SER A 293 13.12 10.13 39.92
N ALA A 294 14.05 9.62 40.74
CA ALA A 294 13.95 8.25 41.20
C ALA A 294 12.70 8.02 42.04
N ALA A 295 12.37 8.97 42.90
CA ALA A 295 11.17 8.87 43.72
C ALA A 295 10.08 9.79 43.19
N ALA B 2 -12.07 -8.35 -50.64
CA ALA B 2 -11.04 -9.16 -50.02
C ALA B 2 -11.45 -10.62 -49.98
N THR B 3 -12.70 -10.88 -49.62
CA THR B 3 -13.34 -12.19 -49.65
C THR B 3 -12.77 -13.14 -48.60
N TYR B 4 -13.65 -13.82 -47.87
CA TYR B 4 -13.23 -14.88 -46.98
C TYR B 4 -12.79 -16.10 -47.79
N VAL B 5 -11.70 -16.73 -47.37
CA VAL B 5 -11.15 -17.87 -48.06
C VAL B 5 -10.87 -18.99 -47.05
N GLU B 6 -10.62 -20.18 -47.59
CA GLU B 6 -10.32 -21.37 -46.81
C GLU B 6 -8.87 -21.75 -47.09
N THR B 7 -8.02 -21.65 -46.07
CA THR B 7 -6.60 -21.91 -46.21
C THR B 7 -6.06 -22.61 -44.98
N ASP B 8 -4.96 -23.32 -45.16
CA ASP B 8 -4.26 -23.94 -44.05
C ASP B 8 -3.38 -22.98 -43.27
N ALA B 9 -3.16 -21.77 -43.80
CA ALA B 9 -2.34 -20.79 -43.08
C ALA B 9 -2.99 -20.33 -41.79
N ALA B 10 -4.30 -20.55 -41.63
CA ALA B 10 -5.00 -20.21 -40.41
C ALA B 10 -5.31 -21.45 -39.57
N GLY B 11 -4.46 -22.46 -39.67
CA GLY B 11 -4.67 -23.72 -38.99
C GLY B 11 -5.16 -24.79 -39.95
N PRO B 12 -5.09 -26.05 -39.52
CA PRO B 12 -5.55 -27.14 -40.40
C PRO B 12 -7.03 -27.03 -40.70
N GLY B 13 -7.35 -26.85 -41.98
CA GLY B 13 -8.73 -26.73 -42.41
C GLY B 13 -9.43 -25.50 -41.86
N GLY B 14 -8.74 -24.35 -41.84
CA GLY B 14 -9.30 -23.12 -41.32
C GLY B 14 -9.69 -22.14 -42.41
N ARG B 15 -10.32 -21.06 -41.98
CA ARG B 15 -10.78 -20.00 -42.87
C ARG B 15 -10.32 -18.66 -42.34
N ALA B 16 -10.15 -17.70 -43.24
CA ALA B 16 -9.63 -16.40 -42.86
C ALA B 16 -10.17 -15.35 -43.83
N TYR B 17 -9.82 -14.10 -43.55
CA TYR B 17 -10.20 -12.94 -44.34
C TYR B 17 -8.92 -12.25 -44.81
N VAL B 18 -8.63 -12.35 -46.10
CA VAL B 18 -7.33 -11.98 -46.64
C VAL B 18 -7.47 -10.79 -47.58
N VAL B 19 -6.59 -9.80 -47.41
CA VAL B 19 -6.51 -8.64 -48.28
C VAL B 19 -5.31 -8.82 -49.20
N ASP B 20 -5.51 -8.52 -50.48
CA ASP B 20 -4.53 -8.82 -51.51
C ASP B 20 -3.57 -7.67 -51.78
N VAL B 21 -3.31 -6.82 -50.80
CA VAL B 21 -2.39 -5.69 -50.98
C VAL B 21 -1.48 -5.59 -49.78
N PRO B 22 -0.18 -5.34 -49.97
CA PRO B 22 0.74 -5.31 -48.82
C PRO B 22 0.48 -4.19 -47.82
N LYS B 23 -0.30 -3.17 -48.17
CA LYS B 23 -0.55 -2.04 -47.30
C LYS B 23 -2.04 -1.88 -47.06
N VAL B 24 -2.42 -1.74 -45.78
CA VAL B 24 -3.80 -1.52 -45.38
C VAL B 24 -3.85 -0.24 -44.56
N PHE B 25 -4.80 0.64 -44.90
CA PHE B 25 -4.88 1.95 -44.28
C PHE B 25 -6.24 2.16 -43.64
N ARG B 26 -6.29 3.12 -42.72
CA ARG B 26 -7.51 3.50 -42.01
C ARG B 26 -7.65 5.02 -42.06
N ARG B 27 -8.87 5.49 -42.24
CA ARG B 27 -9.16 6.92 -42.24
C ARG B 27 -9.57 7.34 -40.83
N ASN B 28 -8.74 8.16 -40.20
CA ASN B 28 -8.98 8.58 -38.82
C ASN B 28 -10.04 9.68 -38.81
N ALA B 29 -10.25 10.28 -37.63
CA ALA B 29 -11.30 11.28 -37.48
C ALA B 29 -11.00 12.57 -38.24
N ASP B 30 -9.74 12.82 -38.59
CA ASP B 30 -9.36 14.03 -39.29
C ASP B 30 -9.17 13.82 -40.79
N GLY B 31 -9.44 12.62 -41.29
CA GLY B 31 -9.27 12.32 -42.70
C GLY B 31 -7.89 11.84 -43.09
N ASP B 32 -6.93 11.83 -42.17
CA ASP B 32 -5.60 11.34 -42.48
C ASP B 32 -5.60 9.81 -42.54
N LEU B 33 -4.63 9.26 -43.26
CA LEU B 33 -4.51 7.82 -43.41
C LEU B 33 -3.46 7.30 -42.44
N ILE B 34 -3.84 6.28 -41.68
CA ILE B 34 -2.97 5.64 -40.68
C ILE B 34 -2.81 4.18 -41.08
N GLU B 35 -1.57 3.74 -41.20
CA GLU B 35 -1.33 2.36 -41.57
C GLU B 35 -1.64 1.43 -40.41
N ILE B 36 -2.28 0.30 -40.72
CA ILE B 36 -2.56 -0.73 -39.72
C ILE B 36 -1.43 -1.74 -39.76
N THR B 37 -0.76 -1.91 -38.62
CA THR B 37 0.36 -2.83 -38.53
C THR B 37 0.38 -3.47 -37.16
N SER B 38 1.04 -4.62 -37.06
CA SER B 38 1.11 -5.40 -35.83
C SER B 38 2.46 -5.17 -35.16
N ASP B 39 2.42 -4.73 -33.91
CA ASP B 39 3.63 -4.55 -33.11
C ASP B 39 3.90 -5.83 -32.32
N ALA B 40 4.83 -5.75 -31.37
CA ALA B 40 5.18 -6.89 -30.53
C ALA B 40 4.54 -6.74 -29.16
N GLY B 41 4.02 -7.83 -28.64
CA GLY B 41 3.40 -7.85 -27.33
C GLY B 41 1.90 -7.72 -27.40
N ARG B 42 1.22 -8.32 -26.42
CA ARG B 42 -0.23 -8.25 -26.37
C ARG B 42 -0.68 -6.83 -26.04
N VAL B 43 -1.68 -6.36 -26.78
CA VAL B 43 -2.17 -4.99 -26.66
C VAL B 43 -3.66 -5.06 -26.31
N ASN B 44 -4.04 -6.06 -25.51
CA ASN B 44 -5.44 -6.26 -25.14
C ASN B 44 -6.08 -4.96 -24.67
N THR B 45 -7.09 -4.51 -25.41
CA THR B 45 -7.76 -3.25 -25.14
C THR B 45 -9.27 -3.44 -25.30
N ASN B 46 -10.02 -2.54 -24.66
CA ASN B 46 -11.48 -2.61 -24.71
C ASN B 46 -12.05 -1.23 -24.44
N ILE B 47 -13.22 -0.98 -25.02
CA ILE B 47 -13.99 0.23 -24.78
C ILE B 47 -15.39 -0.18 -24.37
N VAL B 48 -15.89 0.39 -23.27
CA VAL B 48 -17.15 -0.04 -22.66
C VAL B 48 -18.09 1.14 -22.55
N THR B 49 -19.34 0.94 -22.96
CA THR B 49 -20.43 1.89 -22.72
C THR B 49 -21.19 1.34 -21.52
N ALA B 50 -20.83 1.81 -20.33
CA ALA B 50 -21.30 1.17 -19.10
C ALA B 50 -22.79 1.40 -18.90
N THR B 51 -23.47 0.32 -18.48
CA THR B 51 -24.88 0.36 -18.12
C THR B 51 -25.05 0.85 -16.69
N GLU B 52 -26.24 0.65 -16.13
CA GLU B 52 -26.50 1.07 -14.75
C GLU B 52 -25.70 0.21 -13.77
N PHE B 53 -25.88 0.50 -12.48
CA PHE B 53 -25.08 -0.12 -11.43
C PHE B 53 -25.51 -1.56 -11.21
N LEU B 54 -24.64 -2.51 -11.56
CA LEU B 54 -24.87 -3.93 -11.34
C LEU B 54 -23.69 -4.49 -10.56
N PRO B 55 -23.80 -4.57 -9.22
CA PRO B 55 -22.70 -5.06 -8.38
C PRO B 55 -22.63 -6.59 -8.26
N ASP B 56 -22.65 -7.27 -9.40
CA ASP B 56 -22.59 -8.72 -9.45
C ASP B 56 -21.37 -9.16 -10.25
N TYR B 57 -20.75 -10.26 -9.79
CA TYR B 57 -19.49 -10.70 -10.40
C TYR B 57 -19.65 -11.03 -11.87
N TYR B 58 -20.72 -11.75 -12.23
CA TYR B 58 -20.95 -12.07 -13.63
C TYR B 58 -21.18 -10.80 -14.44
N ALA B 59 -21.92 -9.84 -13.87
CA ALA B 59 -22.17 -8.58 -14.57
C ALA B 59 -20.89 -7.77 -14.72
N VAL B 60 -20.07 -7.68 -13.67
CA VAL B 60 -18.88 -6.84 -13.73
C VAL B 60 -17.83 -7.46 -14.65
N LYS B 61 -17.81 -8.80 -14.74
CA LYS B 61 -16.83 -9.44 -15.60
C LYS B 61 -17.04 -9.11 -17.07
N GLU B 62 -18.24 -8.64 -17.45
CA GLU B 62 -18.49 -8.25 -18.83
C GLU B 62 -17.78 -6.95 -19.19
N ASN B 63 -17.40 -6.14 -18.20
CA ASN B 63 -16.79 -4.84 -18.43
C ASN B 63 -15.27 -4.87 -18.29
N ALA B 64 -14.68 -6.04 -18.15
CA ALA B 64 -13.24 -6.17 -17.96
C ALA B 64 -12.54 -6.35 -19.30
N ALA B 65 -11.42 -5.65 -19.47
CA ALA B 65 -10.63 -5.77 -20.68
C ALA B 65 -9.77 -7.03 -20.69
N LEU B 66 -9.60 -7.67 -19.54
CA LEU B 66 -8.81 -8.90 -19.46
C LEU B 66 -9.29 -9.69 -18.26
N VAL B 67 -9.61 -10.96 -18.47
CA VAL B 67 -10.15 -11.83 -17.43
C VAL B 67 -9.26 -13.06 -17.32
N VAL B 68 -8.82 -13.38 -16.12
CA VAL B 68 -8.02 -14.56 -15.84
C VAL B 68 -8.78 -15.42 -14.84
N GLU B 69 -9.00 -16.68 -15.20
CA GLU B 69 -9.75 -17.62 -14.37
C GLU B 69 -8.89 -18.84 -14.09
N ASN B 70 -8.74 -19.18 -12.81
CA ASN B 70 -7.98 -20.35 -12.40
C ASN B 70 -8.83 -21.17 -11.42
N VAL B 71 -8.96 -22.46 -11.72
CA VAL B 71 -9.77 -23.37 -10.91
C VAL B 71 -8.88 -24.52 -10.48
N THR B 72 -8.49 -24.53 -9.21
CA THR B 72 -7.64 -25.59 -8.67
C THR B 72 -8.49 -26.64 -7.95
N ALA B 73 -9.29 -27.34 -8.77
CA ALA B 73 -10.09 -28.45 -8.25
C ALA B 73 -9.20 -29.64 -7.92
N SER B 74 -9.38 -30.20 -6.73
CA SER B 74 -8.58 -31.34 -6.28
C SER B 74 -9.49 -32.40 -5.69
N PHE B 75 -8.97 -33.62 -5.62
CA PHE B 75 -9.75 -34.75 -5.13
C PHE B 75 -10.01 -34.60 -3.63
N PRO B 76 -11.17 -35.07 -3.15
CA PRO B 76 -11.48 -34.88 -1.72
C PRO B 76 -10.61 -35.70 -0.79
N GLU B 77 -10.37 -36.97 -1.12
CA GLU B 77 -9.56 -37.82 -0.26
C GLU B 77 -8.10 -37.39 -0.27
N ASN B 78 -7.64 -36.76 -1.35
CA ASN B 78 -6.25 -36.30 -1.49
C ASN B 78 -6.24 -34.84 -1.93
N PRO B 79 -6.46 -33.91 -1.01
CA PRO B 79 -6.28 -32.50 -1.35
C PRO B 79 -4.82 -32.19 -1.67
N SER B 80 -4.64 -31.21 -2.55
CA SER B 80 -3.31 -30.90 -3.05
C SER B 80 -2.52 -30.07 -2.03
N GLU B 81 -1.20 -30.06 -2.21
CA GLU B 81 -0.28 -29.28 -1.41
C GLU B 81 0.72 -28.55 -2.30
N ALA B 82 0.25 -28.04 -3.44
CA ALA B 82 1.10 -27.40 -4.43
C ALA B 82 0.76 -25.93 -4.53
N VAL B 83 1.79 -25.10 -4.65
CA VAL B 83 1.60 -23.66 -4.84
C VAL B 83 1.07 -23.41 -6.24
N ILE B 84 -0.10 -22.78 -6.32
CA ILE B 84 -0.78 -22.58 -7.60
C ILE B 84 -1.16 -21.12 -7.76
N PRO B 85 -0.36 -20.32 -8.45
CA PRO B 85 -0.75 -18.92 -8.71
C PRO B 85 -1.74 -18.83 -9.86
N SER B 86 -2.29 -17.63 -10.03
CA SER B 86 -3.21 -17.33 -11.11
C SER B 86 -2.56 -16.51 -12.21
N VAL B 87 -1.95 -15.38 -11.88
CA VAL B 87 -1.21 -14.57 -12.82
C VAL B 87 0.23 -14.49 -12.34
N LEU B 88 1.16 -14.89 -13.20
CA LEU B 88 2.58 -14.89 -12.88
C LEU B 88 3.29 -13.87 -13.75
N VAL B 89 4.01 -12.95 -13.11
CA VAL B 89 4.82 -11.94 -13.79
C VAL B 89 6.26 -12.16 -13.39
N ASN B 90 7.14 -12.32 -14.39
CA ASN B 90 8.55 -12.59 -14.16
C ASN B 90 9.38 -11.56 -14.94
N THR B 91 9.64 -10.42 -14.32
CA THR B 91 10.54 -9.43 -14.89
C THR B 91 11.96 -9.77 -14.48
N LEU B 92 12.89 -9.72 -15.44
CA LEU B 92 14.28 -10.03 -15.17
C LEU B 92 15.17 -9.19 -16.07
N VAL B 93 16.39 -8.95 -15.59
CA VAL B 93 17.40 -8.19 -16.33
C VAL B 93 18.58 -9.11 -16.60
N GLY B 94 18.96 -9.20 -17.87
CA GLY B 94 20.09 -10.03 -18.26
C GLY B 94 19.77 -11.50 -18.33
N ALA B 95 20.30 -12.18 -19.34
CA ALA B 95 20.10 -13.62 -19.45
C ALA B 95 20.96 -14.35 -18.42
N PRO B 96 20.50 -15.51 -17.95
CA PRO B 96 21.33 -16.29 -17.01
C PRO B 96 22.66 -16.69 -17.64
N GLY B 97 23.70 -16.66 -16.83
CA GLY B 97 25.03 -17.01 -17.30
C GLY B 97 25.75 -15.92 -18.06
N GLU B 98 25.17 -14.72 -18.16
CA GLU B 98 25.81 -13.61 -18.86
C GLU B 98 25.68 -12.36 -18.02
N THR B 99 26.79 -11.63 -17.86
CA THR B 99 26.83 -10.41 -17.07
C THR B 99 26.80 -9.15 -17.93
N SER B 100 26.57 -9.30 -19.24
CA SER B 100 26.66 -8.18 -20.15
C SER B 100 25.52 -7.19 -19.92
N GLY B 101 25.85 -5.90 -19.98
CA GLY B 101 24.86 -4.85 -19.93
C GLY B 101 24.24 -4.66 -18.56
N GLY B 102 23.13 -3.93 -18.56
CA GLY B 102 22.44 -3.60 -17.34
C GLY B 102 21.54 -2.39 -17.55
N ASN B 103 21.09 -1.82 -16.43
CA ASN B 103 20.24 -0.64 -16.46
C ASN B 103 20.59 0.21 -15.25
N ARG B 104 21.12 1.41 -15.49
CA ARG B 104 21.62 2.25 -14.41
C ARG B 104 20.46 2.92 -13.68
N ASP B 105 20.80 3.84 -12.77
CA ASP B 105 19.79 4.46 -11.91
C ASP B 105 18.72 5.25 -12.65
N PRO B 106 19.03 6.08 -13.67
CA PRO B 106 17.95 6.83 -14.33
C PRO B 106 16.85 5.94 -14.89
N GLY B 107 17.19 4.76 -15.37
CA GLY B 107 16.18 3.80 -15.77
C GLY B 107 15.77 2.89 -14.63
N HIS B 108 14.65 2.19 -14.84
CA HIS B 108 14.16 1.26 -13.84
C HIS B 108 13.22 0.27 -14.51
N VAL B 109 12.97 -0.83 -13.81
CA VAL B 109 12.03 -1.86 -14.25
C VAL B 109 10.86 -1.88 -13.27
N ILE B 110 9.65 -2.02 -13.82
CA ILE B 110 8.43 -2.01 -13.03
C ILE B 110 7.74 -3.36 -13.18
N GLY B 111 7.48 -4.01 -12.05
CA GLY B 111 6.79 -5.29 -12.05
C GLY B 111 5.38 -5.19 -12.56
N LEU B 112 4.68 -4.12 -12.16
CA LEU B 112 3.28 -3.89 -12.56
C LEU B 112 3.07 -2.38 -12.53
N PHE B 113 3.04 -1.77 -13.71
CA PHE B 113 2.89 -0.31 -13.83
C PHE B 113 1.41 0.01 -14.03
N SER B 114 0.71 0.23 -12.91
CA SER B 114 -0.65 0.71 -12.99
C SER B 114 -0.67 2.18 -13.38
N GLU B 115 -1.81 2.61 -13.92
CA GLU B 115 -1.96 3.99 -14.37
C GLU B 115 -3.42 4.37 -14.36
N THR B 116 -3.67 5.68 -14.36
CA THR B 116 -5.05 6.19 -14.35
C THR B 116 -5.02 7.61 -14.92
N MET B 117 -5.61 7.79 -16.09
CA MET B 117 -5.71 9.10 -16.74
C MET B 117 -7.14 9.59 -16.66
N ILE B 118 -7.31 10.85 -16.26
CA ILE B 118 -8.63 11.44 -16.08
C ILE B 118 -8.83 12.50 -17.15
N GLU B 119 -9.90 12.35 -17.94
CA GLU B 119 -10.28 13.33 -18.94
C GLU B 119 -11.74 13.76 -18.84
N ALA B 120 -12.55 13.08 -18.05
CA ALA B 120 -13.95 13.39 -17.85
C ALA B 120 -14.24 13.37 -16.35
N PRO B 121 -15.28 14.07 -15.91
CA PRO B 121 -15.61 14.05 -14.47
C PRO B 121 -15.84 12.63 -13.97
N CYS B 122 -15.30 12.34 -12.79
CA CYS B 122 -15.39 11.01 -12.20
C CYS B 122 -15.73 11.12 -10.73
N GLY B 123 -16.34 10.07 -10.20
CA GLY B 123 -16.74 10.05 -8.80
C GLY B 123 -15.78 9.31 -7.90
N THR B 124 -15.35 8.12 -8.31
CA THR B 124 -14.49 7.29 -7.49
C THR B 124 -13.53 6.51 -8.38
N ALA B 125 -12.27 6.42 -7.95
CA ALA B 125 -11.26 5.67 -8.67
C ALA B 125 -10.48 4.82 -7.69
N PHE B 126 -10.26 3.56 -8.05
CA PHE B 126 -9.51 2.61 -7.23
C PHE B 126 -8.22 2.23 -7.95
N GLY B 127 -7.09 2.41 -7.27
CA GLY B 127 -5.84 1.90 -7.81
C GLY B 127 -5.80 0.39 -7.86
N SER B 128 -6.37 -0.26 -6.85
CA SER B 128 -6.47 -1.71 -6.80
C SER B 128 -7.59 -2.07 -5.83
N GLU B 129 -7.87 -3.37 -5.73
CA GLU B 129 -8.91 -3.85 -4.82
C GLU B 129 -8.70 -5.34 -4.59
N PHE B 130 -8.75 -5.75 -3.33
CA PHE B 130 -8.62 -7.15 -2.94
C PHE B 130 -9.88 -7.57 -2.22
N ARG B 131 -10.47 -8.68 -2.65
CA ARG B 131 -11.72 -9.17 -2.10
C ARG B 131 -11.61 -10.66 -1.79
N VAL B 132 -12.23 -11.08 -0.69
CA VAL B 132 -12.29 -12.48 -0.29
C VAL B 132 -13.74 -12.86 -0.13
N ASP B 133 -14.13 -14.00 -0.71
CA ASP B 133 -15.51 -14.45 -0.73
C ASP B 133 -15.59 -15.90 -0.25
N PRO B 134 -15.58 -16.12 1.07
CA PRO B 134 -15.77 -17.48 1.61
C PRO B 134 -17.24 -17.85 1.67
N ARG B 135 -17.78 -18.29 0.52
CA ARG B 135 -19.21 -18.55 0.42
C ARG B 135 -19.63 -19.73 1.30
N ARG B 136 -18.88 -20.83 1.25
CA ARG B 136 -19.33 -22.09 1.83
C ARG B 136 -18.44 -22.56 2.97
N GLU B 137 -17.15 -22.73 2.74
CA GLU B 137 -16.27 -23.41 3.68
C GLU B 137 -15.43 -22.41 4.47
N HIS B 138 -14.61 -22.95 5.36
CA HIS B 138 -13.82 -22.16 6.29
C HIS B 138 -12.40 -22.00 5.77
N LEU B 139 -11.89 -20.77 5.84
CA LEU B 139 -10.52 -20.47 5.46
C LEU B 139 -9.70 -20.23 6.72
N ASP B 140 -8.50 -20.83 6.78
CA ASP B 140 -7.68 -20.72 7.98
C ASP B 140 -7.00 -19.35 8.07
N VAL B 141 -6.18 -19.01 7.09
CA VAL B 141 -5.42 -17.77 7.10
C VAL B 141 -5.44 -17.16 5.70
N TYR B 142 -5.60 -15.84 5.64
CA TYR B 142 -5.55 -15.09 4.39
C TYR B 142 -4.70 -13.86 4.65
N VAL B 143 -3.73 -13.61 3.76
CA VAL B 143 -2.91 -12.41 3.81
C VAL B 143 -3.02 -11.69 2.47
N ALA B 144 -3.38 -10.41 2.52
CA ALA B 144 -3.65 -9.66 1.29
C ALA B 144 -2.38 -9.45 0.48
N ILE B 145 -1.31 -8.99 1.11
CA ILE B 145 -0.05 -8.71 0.42
C ILE B 145 1.10 -9.19 1.31
N LYS B 146 2.07 -9.85 0.70
CA LYS B 146 3.23 -10.37 1.39
C LYS B 146 4.50 -9.72 0.85
N HIS B 147 5.62 -10.03 1.50
CA HIS B 147 6.93 -9.57 1.05
C HIS B 147 7.92 -10.68 1.35
N VAL B 148 8.41 -11.35 0.32
CA VAL B 148 9.33 -12.47 0.45
C VAL B 148 10.61 -12.14 -0.28
N ILE B 149 11.74 -12.36 0.37
CA ILE B 149 13.05 -12.12 -0.21
C ILE B 149 13.81 -13.45 -0.26
N GLY B 150 14.38 -13.76 -1.43
CA GLY B 150 15.12 -14.98 -1.61
C GLY B 150 16.29 -15.10 -0.66
N PRO B 151 16.41 -16.25 -0.01
CA PRO B 151 17.50 -16.45 0.95
C PRO B 151 18.87 -16.43 0.25
N ASP B 152 19.89 -16.01 1.00
CA ASP B 152 21.22 -15.84 0.44
C ASP B 152 21.85 -17.15 0.00
N ASP B 153 21.37 -18.30 0.52
CA ASP B 153 21.92 -19.58 0.07
C ASP B 153 21.57 -19.87 -1.38
N GLN B 154 20.58 -19.17 -1.94
CA GLN B 154 20.22 -19.31 -3.35
C GLN B 154 20.62 -18.11 -4.19
N ASN B 155 20.73 -16.92 -3.60
CA ASN B 155 21.06 -15.70 -4.31
C ASN B 155 22.40 -15.17 -3.83
N GLY B 156 23.31 -14.91 -4.78
CA GLY B 156 24.65 -14.48 -4.43
C GLY B 156 24.89 -12.98 -4.50
N GLY B 157 23.93 -12.23 -5.02
CA GLY B 157 24.05 -10.80 -5.14
C GLY B 157 23.67 -10.09 -3.85
N THR B 158 23.65 -8.75 -3.94
CA THR B 158 23.34 -7.91 -2.79
C THR B 158 22.25 -6.91 -3.16
N ILE B 159 21.54 -6.45 -2.13
CA ILE B 159 20.50 -5.45 -2.27
C ILE B 159 20.88 -4.24 -1.43
N GLY B 160 20.84 -3.05 -2.05
CA GLY B 160 21.11 -1.83 -1.32
C GLY B 160 20.03 -1.47 -0.33
N ASP B 161 18.84 -1.15 -0.84
CA ASP B 161 17.70 -0.77 -0.02
C ASP B 161 16.48 -1.58 -0.42
N TYR B 162 15.78 -2.09 0.58
CA TYR B 162 14.53 -2.83 0.39
C TYR B 162 13.41 -2.03 1.03
N ILE B 163 12.73 -1.22 0.22
CA ILE B 163 11.70 -0.30 0.71
C ILE B 163 10.35 -1.01 0.64
N ILE B 164 9.71 -1.16 1.80
CA ILE B 164 8.38 -1.74 1.82
C ILE B 164 7.38 -0.82 1.13
N GLU B 165 7.41 0.47 1.45
CA GLU B 165 6.54 1.45 0.84
C GLU B 165 7.29 2.77 0.76
N GLN B 166 7.20 3.43 -0.39
CA GLN B 166 7.88 4.69 -0.64
C GLN B 166 6.88 5.74 -1.08
N PHE B 167 6.97 6.92 -0.47
CA PHE B 167 6.12 8.05 -0.84
C PHE B 167 6.97 9.31 -0.76
N ASP B 168 7.24 9.92 -1.92
CA ASP B 168 8.10 11.09 -1.98
C ASP B 168 7.31 12.34 -1.61
N ASP B 169 7.93 13.50 -1.76
CA ASP B 169 7.29 14.79 -1.50
C ASP B 169 7.21 15.57 -2.80
N MET B 170 6.03 16.12 -3.09
CA MET B 170 5.77 16.88 -4.31
C MET B 170 5.07 18.19 -3.98
N ARG B 171 5.61 18.90 -2.98
CA ARG B 171 5.04 20.19 -2.60
C ARG B 171 5.10 21.19 -3.75
N GLY B 172 6.23 21.24 -4.45
CA GLY B 172 6.40 22.13 -5.57
C GLY B 172 5.55 21.77 -6.77
N PRO B 173 5.85 20.63 -7.40
CA PRO B 173 5.11 20.25 -8.61
C PRO B 173 3.62 20.06 -8.40
N VAL B 174 3.19 19.59 -7.24
CA VAL B 174 1.79 19.24 -7.00
C VAL B 174 1.25 20.17 -5.91
N GLN B 175 0.18 20.89 -6.23
CA GLN B 175 -0.53 21.70 -5.25
C GLN B 175 -2.04 21.65 -5.40
N ASN B 176 -2.56 20.84 -6.33
CA ASN B 176 -3.99 20.75 -6.58
C ASN B 176 -4.65 19.60 -5.81
N ILE B 177 -3.91 18.93 -4.94
CA ILE B 177 -4.45 17.81 -4.17
C ILE B 177 -5.24 18.36 -3.00
N GLY B 178 -6.48 17.88 -2.84
CA GLY B 178 -7.31 18.36 -1.74
C GLY B 178 -6.75 17.99 -0.38
N SER B 179 -6.35 16.73 -0.21
CA SER B 179 -5.83 16.25 1.06
C SER B 179 -5.17 14.90 0.83
N LEU B 180 -4.38 14.47 1.81
CA LEU B 180 -3.75 13.15 1.81
C LEU B 180 -4.11 12.45 3.10
N GLN B 181 -4.68 11.25 3.00
CA GLN B 181 -5.21 10.55 4.15
C GLN B 181 -4.82 9.09 4.09
N GLN B 182 -4.98 8.42 5.24
CA GLN B 182 -4.82 6.98 5.33
C GLN B 182 -5.71 6.51 6.47
N ASN B 183 -6.89 6.02 6.13
CA ASN B 183 -7.96 5.80 7.10
C ASN B 183 -8.07 4.31 7.44
N TYR B 184 -8.29 4.03 8.73
CA TYR B 184 -8.62 2.70 9.23
C TYR B 184 -9.80 2.85 10.17
N LEU B 185 -11.00 2.62 9.65
CA LEU B 185 -12.20 2.86 10.45
C LEU B 185 -12.78 1.59 11.06
N ASP B 186 -12.06 0.47 11.01
CA ASP B 186 -12.41 -0.68 11.81
C ASP B 186 -11.46 -0.75 13.00
N PRO B 187 -11.94 -0.62 14.24
CA PRO B 187 -11.03 -0.68 15.40
C PRO B 187 -10.57 -2.09 15.74
N ARG B 188 -11.15 -3.13 15.14
CA ARG B 188 -10.77 -4.50 15.48
C ARG B 188 -9.35 -4.85 15.05
N LEU B 189 -8.74 -4.02 14.20
CA LEU B 189 -7.41 -4.30 13.69
C LEU B 189 -6.37 -4.17 14.79
N VAL B 190 -5.40 -5.07 14.80
CA VAL B 190 -4.26 -5.00 15.71
C VAL B 190 -2.98 -5.04 14.89
N THR B 191 -2.09 -4.09 15.16
CA THR B 191 -0.85 -3.94 14.43
C THR B 191 0.34 -4.27 15.33
N THR B 192 1.35 -4.90 14.76
CA THR B 192 2.57 -5.28 15.48
C THR B 192 3.76 -4.74 14.70
N HIS B 193 4.13 -3.50 14.98
CA HIS B 193 5.24 -2.83 14.31
C HIS B 193 6.46 -2.91 15.23
N LEU B 194 7.31 -3.90 15.00
CA LEU B 194 8.51 -4.07 15.81
C LEU B 194 9.64 -3.11 15.44
N GLY B 195 9.55 -2.46 14.29
CA GLY B 195 10.60 -1.58 13.83
C GLY B 195 10.56 -0.21 14.47
N GLY B 196 11.54 0.61 14.10
CA GLY B 196 11.64 1.95 14.66
C GLY B 196 10.62 2.90 14.06
N ASN B 197 10.15 3.83 14.88
CA ASN B 197 9.18 4.84 14.48
C ASN B 197 9.80 6.22 14.62
N VAL B 198 9.69 7.02 13.57
CA VAL B 198 10.24 8.37 13.54
C VAL B 198 9.12 9.35 13.20
N VAL B 199 9.08 10.46 13.93
CA VAL B 199 8.04 11.47 13.74
C VAL B 199 8.70 12.79 13.36
N ASN B 200 7.87 13.82 13.15
CA ASN B 200 8.35 15.13 12.74
C ASN B 200 8.49 16.04 13.94
N THR B 201 9.62 16.76 13.99
CA THR B 201 9.90 17.72 15.05
C THR B 201 10.25 19.06 14.44
N GLN B 202 9.91 20.14 15.16
CA GLN B 202 10.17 21.48 14.68
C GLN B 202 10.25 22.41 15.89
N GLN B 203 10.79 23.60 15.65
CA GLN B 203 10.94 24.63 16.67
C GLN B 203 10.11 25.85 16.28
N LEU B 204 9.27 26.31 17.21
CA LEU B 204 8.39 27.43 16.90
C LEU B 204 9.16 28.74 16.83
N THR B 205 8.73 29.63 15.94
CA THR B 205 9.28 30.96 15.84
C THR B 205 8.23 32.07 15.86
N GLN B 206 6.98 31.79 15.46
CA GLN B 206 5.91 32.76 15.51
C GLN B 206 4.63 32.05 15.94
N ASN B 207 3.56 32.81 16.08
CA ASN B 207 2.27 32.23 16.43
C ASN B 207 1.78 31.33 15.30
N ILE B 208 1.30 30.13 15.66
CA ILE B 208 0.90 29.14 14.67
C ILE B 208 -0.48 28.59 15.04
N THR B 209 -1.09 27.92 14.07
CA THR B 209 -2.36 27.25 14.24
C THR B 209 -2.18 25.75 14.00
N LEU B 210 -2.64 24.95 14.94
CA LEU B 210 -2.48 23.50 14.86
C LEU B 210 -3.47 22.91 13.86
N THR B 211 -3.02 21.92 13.11
CA THR B 211 -3.84 21.18 12.16
C THR B 211 -3.72 19.69 12.41
N LYS B 212 -4.45 18.90 11.62
CA LYS B 212 -4.37 17.45 11.75
C LYS B 212 -3.01 16.92 11.35
N GLN B 213 -2.34 17.58 10.39
CA GLN B 213 -1.02 17.14 9.96
C GLN B 213 0.03 17.27 11.06
N GLN B 214 -0.18 18.17 12.01
CA GLN B 214 0.80 18.45 13.05
C GLN B 214 0.62 17.59 14.30
N SER B 215 -0.38 16.71 14.31
CA SER B 215 -0.64 15.89 15.49
C SER B 215 0.52 14.93 15.75
N GLY B 216 0.82 14.72 17.02
CA GLY B 216 1.88 13.81 17.39
C GLY B 216 3.28 14.30 17.11
N TRP B 217 3.48 15.61 17.04
CA TRP B 217 4.79 16.19 16.79
C TRP B 217 5.40 16.70 18.10
N PHE B 218 6.64 17.16 18.02
CA PHE B 218 7.35 17.75 19.14
C PHE B 218 7.75 19.16 18.76
N PHE B 219 7.54 20.12 19.67
CA PHE B 219 7.79 21.52 19.40
C PHE B 219 8.60 22.13 20.53
N MET B 220 9.48 23.08 20.17
CA MET B 220 10.25 23.85 21.12
C MET B 220 10.14 25.33 20.80
N SER B 221 10.06 26.16 21.83
CA SER B 221 10.01 27.60 21.67
C SER B 221 11.41 28.17 21.78
N GLN B 222 11.80 28.98 20.80
CA GLN B 222 13.12 29.59 20.76
C GLN B 222 12.97 31.11 20.67
N GLY B 223 13.80 31.81 21.43
CA GLY B 223 13.78 33.25 21.45
C GLY B 223 13.27 33.82 22.76
N THR B 224 12.78 35.05 22.69
CA THR B 224 12.25 35.76 23.86
C THR B 224 10.80 36.17 23.71
N THR B 225 10.35 36.55 22.52
CA THR B 225 8.97 36.93 22.32
C THR B 225 8.05 35.72 22.49
N GLU B 226 6.94 35.94 23.20
CA GLU B 226 5.99 34.85 23.44
C GLU B 226 5.37 34.38 22.13
N ILE B 227 5.10 33.08 22.05
CA ILE B 227 4.56 32.45 20.86
C ILE B 227 3.19 31.89 21.21
N THR B 228 2.19 32.22 20.39
CA THR B 228 0.83 31.77 20.61
C THR B 228 0.51 30.62 19.66
N VAL B 229 0.04 29.51 20.22
CA VAL B 229 -0.38 28.34 19.46
C VAL B 229 -1.89 28.20 19.63
N THR B 230 -2.61 28.25 18.51
CA THR B 230 -4.06 28.19 18.54
C THR B 230 -4.54 26.90 17.89
N LEU B 231 -5.36 26.15 18.60
CA LEU B 231 -5.94 24.93 18.06
C LEU B 231 -7.06 25.30 17.09
N GLY B 232 -6.87 24.98 15.82
CA GLY B 232 -7.83 25.33 14.80
C GLY B 232 -9.12 24.55 14.92
N PRO B 233 -10.18 25.04 14.27
CA PRO B 233 -11.46 24.32 14.32
C PRO B 233 -11.38 22.93 13.71
N ASP B 234 -10.40 22.68 12.84
CA ASP B 234 -10.26 21.37 12.20
C ASP B 234 -9.83 20.28 13.18
N VAL B 235 -9.38 20.64 14.38
CA VAL B 235 -8.91 19.63 15.33
C VAL B 235 -10.10 18.81 15.83
N THR B 236 -9.93 17.50 15.82
CA THR B 236 -10.96 16.53 16.19
C THR B 236 -10.52 15.75 17.42
N PRO B 237 -11.46 15.16 18.15
CA PRO B 237 -11.08 14.31 19.29
C PRO B 237 -10.25 13.13 18.87
N GLY B 238 -9.35 12.71 19.75
CA GLY B 238 -8.47 11.58 19.51
C GLY B 238 -7.05 11.93 19.12
N CYS B 239 -6.70 13.21 19.12
CA CYS B 239 -5.36 13.65 18.77
C CYS B 239 -4.54 13.91 20.03
N HIS B 240 -3.24 14.14 19.82
CA HIS B 240 -2.33 14.42 20.92
C HIS B 240 -1.17 15.26 20.41
N PHE B 241 -0.73 16.21 21.23
CA PHE B 241 0.38 17.10 20.91
C PHE B 241 1.30 17.21 22.11
N HIS B 242 2.61 17.23 21.85
CA HIS B 242 3.63 17.35 22.88
C HIS B 242 4.37 18.66 22.72
N PHE B 243 4.44 19.43 23.80
CA PHE B 243 5.06 20.75 23.77
C PHE B 243 6.07 20.87 24.90
N ILE B 244 7.22 21.47 24.59
CA ILE B 244 8.24 21.78 25.60
C ILE B 244 8.79 23.17 25.32
N GLN B 245 8.90 23.98 26.36
CA GLN B 245 9.42 25.34 26.22
C GLN B 245 10.94 25.28 26.21
N GLY B 246 11.54 25.51 25.04
CA GLY B 246 12.98 25.41 24.90
C GLY B 246 13.76 26.65 25.27
N SER B 247 13.08 27.78 25.43
CA SER B 247 13.76 29.04 25.75
C SER B 247 12.96 29.75 26.84
N ALA B 248 13.33 31.00 27.10
CA ALA B 248 12.63 31.80 28.10
C ALA B 248 11.26 32.27 27.61
N ALA B 249 11.03 32.26 26.30
CA ALA B 249 9.75 32.72 25.76
C ALA B 249 8.64 31.74 26.12
N LYS B 250 7.56 32.26 26.68
CA LYS B 250 6.43 31.42 27.07
C LYS B 250 5.57 31.12 25.84
N ILE B 251 4.90 29.97 25.88
CA ILE B 251 4.01 29.54 24.82
C ILE B 251 2.58 29.64 25.32
N LYS B 252 1.81 30.56 24.73
CA LYS B 252 0.41 30.74 25.08
C LYS B 252 -0.44 29.77 24.27
N PHE B 253 -1.50 29.26 24.91
CA PHE B 253 -2.39 28.29 24.30
C PHE B 253 -3.75 28.94 24.06
N ALA B 254 -4.27 28.77 22.85
CA ALA B 254 -5.58 29.30 22.49
C ALA B 254 -6.41 28.20 21.85
N VAL B 255 -7.72 28.27 22.05
CA VAL B 255 -8.65 27.28 21.53
C VAL B 255 -9.73 28.00 20.72
N SER B 256 -10.15 27.37 19.62
CA SER B 256 -11.23 27.92 18.82
C SER B 256 -12.54 27.86 19.59
N PRO B 257 -13.50 28.73 19.25
CA PRO B 257 -14.77 28.75 20.00
C PRO B 257 -15.49 27.42 20.04
N ASP B 258 -15.36 26.59 18.99
CA ASP B 258 -16.05 25.30 18.98
C ASP B 258 -15.55 24.39 20.09
N LYS B 259 -14.24 24.38 20.33
CA LYS B 259 -13.65 23.54 21.36
C LYS B 259 -13.53 24.31 22.66
N ALA B 260 -13.52 23.56 23.77
CA ALA B 260 -13.46 24.13 25.11
C ALA B 260 -12.10 23.84 25.72
N TRP B 261 -11.46 24.88 26.26
CA TRP B 261 -10.19 24.71 26.95
C TRP B 261 -10.36 23.94 28.24
N TYR B 262 -9.36 23.14 28.59
CA TYR B 262 -9.41 22.32 29.79
C TYR B 262 -7.99 22.06 30.25
N ALA B 263 -7.69 22.41 31.51
CA ALA B 263 -6.35 22.22 32.04
C ALA B 263 -6.42 22.17 33.56
N LYS B 264 -5.36 21.64 34.17
CA LYS B 264 -5.25 21.59 35.62
C LYS B 264 -4.97 22.99 36.14
N GLY B 265 -5.95 23.59 36.82
CA GLY B 265 -5.80 24.97 37.26
C GLY B 265 -5.95 26.00 36.17
N ASN B 266 -6.44 25.60 34.99
CA ASN B 266 -6.63 26.49 33.85
C ASN B 266 -5.32 27.19 33.47
N GLN B 267 -4.21 26.45 33.52
CA GLN B 267 -2.92 27.00 33.13
C GLN B 267 -2.82 27.02 31.62
N THR B 268 -2.91 28.20 31.03
CA THR B 268 -2.95 28.37 29.58
C THR B 268 -1.58 28.57 28.95
N GLU B 269 -0.52 28.62 29.75
CA GLU B 269 0.83 28.78 29.20
C GLU B 269 1.83 28.12 30.13
N THR B 270 2.99 27.79 29.58
CA THR B 270 4.05 27.17 30.35
C THR B 270 4.71 28.18 31.27
N ASP B 271 4.97 27.76 32.51
CA ASP B 271 5.54 28.67 33.50
C ASP B 271 6.93 29.16 33.09
N GLY B 272 7.76 28.26 32.58
CA GLY B 272 9.11 28.63 32.20
C GLY B 272 9.77 27.57 31.34
N GLN B 273 11.07 27.71 31.18
CA GLN B 273 11.83 26.79 30.35
C GLN B 273 11.81 25.38 30.93
N PHE B 274 11.95 24.39 30.05
CA PHE B 274 11.94 22.97 30.41
C PHE B 274 10.60 22.54 31.00
N GLY B 275 9.53 23.28 30.68
CA GLY B 275 8.20 22.84 31.02
C GLY B 275 7.63 21.89 29.98
N GLU B 276 6.62 21.12 30.37
CA GLU B 276 6.08 20.10 29.49
C GLU B 276 4.56 20.20 29.42
N CYS B 277 4.01 19.98 28.24
CA CYS B 277 2.56 19.97 28.03
C CYS B 277 2.20 18.84 27.10
N THR B 278 1.18 18.07 27.48
CA THR B 278 0.62 17.01 26.64
C THR B 278 -0.85 17.34 26.44
N ILE B 279 -1.18 17.86 25.26
CA ILE B 279 -2.53 18.31 24.97
C ILE B 279 -3.25 17.20 24.21
N ARG B 280 -4.35 16.71 24.77
CA ARG B 280 -5.13 15.63 24.18
C ARG B 280 -6.57 16.08 24.01
N VAL B 281 -7.13 15.79 22.84
CA VAL B 281 -8.50 16.15 22.52
C VAL B 281 -9.38 14.93 22.74
N TYR B 282 -10.47 15.11 23.47
CA TYR B 282 -11.38 14.07 23.89
C TYR B 282 -12.79 14.37 23.39
N PRO B 283 -13.65 13.36 23.32
CA PRO B 283 -15.01 13.57 22.79
C PRO B 283 -15.70 14.78 23.40
N PHE B 284 -16.65 15.33 22.64
CA PHE B 284 -17.39 16.54 23.01
C PHE B 284 -16.45 17.74 23.19
N GLY B 285 -15.38 17.78 22.41
CA GLY B 285 -14.48 18.93 22.40
C GLY B 285 -13.77 19.18 23.70
N GLY B 286 -13.27 18.12 24.34
CA GLY B 286 -12.53 18.30 25.58
C GLY B 286 -11.03 18.40 25.35
N THR B 287 -10.50 19.63 25.33
CA THR B 287 -9.07 19.84 25.08
C THR B 287 -8.35 19.86 26.42
N VAL B 288 -7.96 18.68 26.91
CA VAL B 288 -7.39 18.51 28.23
C VAL B 288 -5.87 18.47 28.11
N GLY B 289 -5.19 19.27 28.92
CA GLY B 289 -3.75 19.33 28.85
C GLY B 289 -3.04 18.90 30.13
N THR B 290 -2.33 17.79 30.07
CA THR B 290 -1.48 17.39 31.18
C THR B 290 -0.27 18.30 31.25
N PHE B 291 0.02 18.83 32.44
CA PHE B 291 1.01 19.88 32.60
C PHE B 291 2.14 19.42 33.52
N LYS B 292 3.35 19.84 33.18
CA LYS B 292 4.53 19.63 34.01
C LYS B 292 5.31 20.94 34.08
N SER B 293 5.69 21.31 35.30
CA SER B 293 6.24 22.64 35.57
C SER B 293 7.59 22.83 34.87
N ALA B 294 8.13 24.04 35.02
CA ALA B 294 9.39 24.39 34.37
C ALA B 294 10.53 23.52 34.89
N ALA B 295 10.56 23.28 36.20
CA ALA B 295 11.61 22.45 36.79
C ALA B 295 11.46 20.99 36.37
N ALA C 2 -14.51 0.53 -48.02
CA ALA C 2 -13.46 -0.47 -48.07
C ALA C 2 -13.17 -0.89 -49.51
N THR C 3 -12.28 -0.16 -50.17
CA THR C 3 -11.93 -0.43 -51.56
C THR C 3 -10.43 -0.29 -51.75
N TYR C 4 -9.94 -0.82 -52.86
CA TYR C 4 -8.56 -0.65 -53.28
C TYR C 4 -8.46 0.63 -54.09
N VAL C 5 -7.64 1.57 -53.65
CA VAL C 5 -7.50 2.84 -54.34
C VAL C 5 -6.02 3.15 -54.57
N GLU C 6 -5.78 4.08 -55.48
CA GLU C 6 -4.45 4.56 -55.84
C GLU C 6 -4.22 5.87 -55.11
N THR C 7 -3.40 5.84 -54.07
CA THR C 7 -3.11 7.02 -53.27
C THR C 7 -1.61 7.20 -53.09
N ASP C 8 -1.22 8.44 -52.78
CA ASP C 8 0.18 8.77 -52.57
C ASP C 8 0.68 8.39 -51.18
N ALA C 9 -0.22 8.08 -50.24
CA ALA C 9 0.21 7.72 -48.91
C ALA C 9 1.00 6.42 -48.87
N ALA C 10 0.82 5.56 -49.87
CA ALA C 10 1.55 4.30 -49.96
C ALA C 10 2.79 4.39 -50.83
N GLY C 11 3.13 5.59 -51.31
CA GLY C 11 4.26 5.78 -52.19
C GLY C 11 3.90 6.64 -53.37
N PRO C 12 4.85 6.83 -54.29
CA PRO C 12 4.56 7.67 -55.47
C PRO C 12 3.42 7.15 -56.32
N GLY C 13 3.27 5.84 -56.46
CA GLY C 13 2.21 5.27 -57.24
C GLY C 13 1.59 4.03 -56.62
N GLY C 14 1.60 3.95 -55.30
CA GLY C 14 1.14 2.77 -54.62
C GLY C 14 -0.37 2.64 -54.59
N ARG C 15 -0.82 1.44 -54.18
CA ARG C 15 -2.23 1.13 -54.03
C ARG C 15 -2.47 0.61 -52.62
N ALA C 16 -3.67 0.85 -52.10
CA ALA C 16 -3.91 0.53 -50.70
C ALA C 16 -5.37 0.21 -50.47
N TYR C 17 -5.61 -0.51 -49.37
CA TYR C 17 -6.94 -0.80 -48.85
C TYR C 17 -7.24 0.23 -47.76
N VAL C 18 -8.28 1.04 -47.98
CA VAL C 18 -8.42 2.33 -47.31
C VAL C 18 -9.74 2.42 -46.55
N VAL C 19 -10.10 1.37 -45.82
CA VAL C 19 -11.30 1.35 -45.00
C VAL C 19 -11.47 2.69 -44.30
N ASP C 20 -12.65 3.30 -44.44
CA ASP C 20 -12.85 4.72 -44.20
C ASP C 20 -13.61 5.00 -42.91
N VAL C 21 -13.34 4.25 -41.85
CA VAL C 21 -13.95 4.52 -40.55
C VAL C 21 -12.85 4.50 -39.50
N PRO C 22 -12.83 5.46 -38.57
CA PRO C 22 -11.76 5.48 -37.56
C PRO C 22 -11.72 4.21 -36.71
N LYS C 23 -12.86 3.55 -36.50
CA LYS C 23 -12.88 2.30 -35.75
C LYS C 23 -12.89 1.12 -36.72
N VAL C 24 -11.70 0.82 -37.21
CA VAL C 24 -11.47 -0.26 -38.17
C VAL C 24 -11.70 -1.61 -37.51
N PHE C 25 -11.57 -2.67 -38.31
CA PHE C 25 -12.14 -3.99 -38.07
C PHE C 25 -12.18 -4.34 -36.59
N ARG C 26 -13.37 -4.71 -36.11
CA ARG C 26 -13.47 -5.11 -34.72
C ARG C 26 -13.11 -6.58 -34.54
N ARG C 27 -13.31 -7.38 -35.60
CA ARG C 27 -13.00 -8.81 -35.60
C ARG C 27 -13.93 -9.53 -34.64
N ASN C 28 -14.26 -10.79 -34.92
CA ASN C 28 -15.16 -11.54 -34.07
C ASN C 28 -14.42 -12.75 -33.53
N ALA C 29 -14.19 -12.75 -32.21
CA ALA C 29 -13.69 -13.92 -31.50
C ALA C 29 -14.84 -14.88 -31.24
N ASP C 30 -14.64 -15.83 -30.34
CA ASP C 30 -15.69 -16.80 -30.07
C ASP C 30 -16.91 -16.19 -29.36
N GLY C 31 -17.40 -15.07 -29.89
CA GLY C 31 -18.58 -14.41 -29.38
C GLY C 31 -18.49 -12.90 -29.31
N ASP C 32 -17.29 -12.35 -29.15
CA ASP C 32 -17.12 -10.93 -28.89
C ASP C 32 -16.35 -10.23 -30.00
N LEU C 33 -16.68 -8.95 -30.20
CA LEU C 33 -15.91 -8.06 -31.06
C LEU C 33 -14.72 -7.56 -30.24
N ILE C 34 -13.50 -7.94 -30.65
CA ILE C 34 -12.33 -7.80 -29.77
C ILE C 34 -11.92 -6.34 -29.68
N GLU C 35 -11.38 -5.80 -30.77
CA GLU C 35 -10.99 -4.39 -30.84
C GLU C 35 -10.41 -4.28 -32.26
N ILE C 36 -9.78 -3.16 -32.62
CA ILE C 36 -9.03 -3.05 -33.87
C ILE C 36 -8.16 -4.29 -34.03
N THR C 37 -7.95 -4.73 -35.26
CA THR C 37 -7.21 -5.95 -35.48
C THR C 37 -5.73 -5.74 -35.16
N SER C 38 -5.46 -5.45 -33.87
CA SER C 38 -4.09 -5.49 -33.37
C SER C 38 -4.04 -6.09 -31.95
N ASP C 39 -5.06 -6.84 -31.55
CA ASP C 39 -5.22 -7.33 -30.19
C ASP C 39 -5.23 -8.86 -30.21
N ALA C 40 -5.49 -9.46 -29.06
CA ALA C 40 -5.50 -10.91 -28.92
C ALA C 40 -6.79 -11.32 -28.21
N GLY C 41 -6.85 -12.59 -27.81
CA GLY C 41 -8.00 -13.08 -27.08
C GLY C 41 -8.14 -12.41 -25.73
N ARG C 42 -9.37 -12.37 -25.23
CA ARG C 42 -9.69 -11.60 -24.02
C ARG C 42 -9.85 -12.48 -22.79
N VAL C 43 -10.72 -13.47 -22.83
CA VAL C 43 -11.04 -14.29 -21.67
C VAL C 43 -10.11 -15.51 -21.64
N ASN C 44 -9.43 -15.70 -20.52
CA ASN C 44 -8.50 -16.81 -20.34
C ASN C 44 -8.93 -17.63 -19.12
N THR C 45 -8.92 -18.95 -19.27
CA THR C 45 -9.25 -19.85 -18.18
C THR C 45 -8.27 -21.02 -18.20
N ASN C 46 -8.06 -21.62 -17.03
CA ASN C 46 -7.11 -22.72 -16.90
C ASN C 46 -7.49 -23.57 -15.70
N ILE C 47 -7.24 -24.87 -15.82
CA ILE C 47 -7.44 -25.83 -14.74
C ILE C 47 -6.11 -26.51 -14.47
N VAL C 48 -5.70 -26.51 -13.20
CA VAL C 48 -4.40 -27.06 -12.81
C VAL C 48 -4.60 -28.46 -12.26
N THR C 49 -3.56 -29.26 -12.34
CA THR C 49 -3.57 -30.64 -11.84
C THR C 49 -2.90 -30.69 -10.48
N ALA C 50 -3.55 -31.35 -9.52
CA ALA C 50 -3.01 -31.46 -8.17
C ALA C 50 -1.69 -32.21 -8.18
N THR C 51 -0.72 -31.69 -7.43
CA THR C 51 0.58 -32.32 -7.32
C THR C 51 1.17 -31.98 -5.94
N GLU C 52 2.46 -32.23 -5.78
CA GLU C 52 3.16 -31.97 -4.53
C GLU C 52 3.83 -30.60 -4.58
N PHE C 53 4.59 -30.28 -3.54
CA PHE C 53 5.23 -28.98 -3.42
C PHE C 53 6.51 -28.95 -4.25
N LEU C 54 6.56 -28.04 -5.22
CA LEU C 54 7.75 -27.81 -6.04
C LEU C 54 8.05 -26.32 -6.04
N PRO C 55 8.67 -25.81 -4.97
CA PRO C 55 8.95 -24.37 -4.90
C PRO C 55 10.05 -23.92 -5.85
N ASP C 56 9.83 -24.10 -7.14
CA ASP C 56 10.77 -23.68 -8.17
C ASP C 56 10.06 -22.77 -9.19
N TYR C 57 10.82 -21.83 -9.75
CA TYR C 57 10.22 -20.86 -10.66
C TYR C 57 9.66 -21.54 -11.91
N TYR C 58 10.37 -22.54 -12.43
CA TYR C 58 9.87 -23.27 -13.59
C TYR C 58 8.57 -24.01 -13.25
N ALA C 59 8.52 -24.60 -12.06
CA ALA C 59 7.34 -25.36 -11.66
C ALA C 59 6.11 -24.47 -11.54
N VAL C 60 6.25 -23.31 -10.91
CA VAL C 60 5.11 -22.40 -10.76
C VAL C 60 4.76 -21.79 -12.11
N LYS C 61 5.76 -21.57 -12.97
CA LYS C 61 5.49 -21.15 -14.33
C LYS C 61 4.61 -22.16 -15.05
N GLU C 62 4.90 -23.44 -14.88
CA GLU C 62 4.12 -24.45 -15.61
C GLU C 62 2.74 -24.63 -14.99
N ASN C 63 2.56 -24.16 -13.74
CA ASN C 63 1.24 -24.15 -13.10
C ASN C 63 0.46 -22.87 -13.34
N ALA C 64 1.09 -21.81 -13.86
CA ALA C 64 0.42 -20.54 -13.95
C ALA C 64 -0.61 -20.54 -15.07
N ALA C 65 -1.63 -19.70 -14.91
CA ALA C 65 -2.67 -19.55 -15.91
C ALA C 65 -2.28 -18.53 -16.98
N LEU C 66 -1.55 -17.48 -16.58
CA LEU C 66 -1.03 -16.51 -17.53
C LEU C 66 0.39 -16.14 -17.10
N VAL C 67 1.34 -16.26 -18.03
CA VAL C 67 2.75 -16.01 -17.76
C VAL C 67 3.18 -14.83 -18.62
N VAL C 68 3.69 -13.79 -17.96
CA VAL C 68 4.24 -12.62 -18.65
C VAL C 68 5.67 -12.42 -18.16
N GLU C 69 6.61 -12.34 -19.09
CA GLU C 69 8.01 -12.10 -18.75
C GLU C 69 8.61 -11.10 -19.72
N ASN C 70 9.40 -10.18 -19.19
CA ASN C 70 10.08 -9.16 -19.97
C ASN C 70 11.56 -9.20 -19.66
N VAL C 71 12.39 -9.27 -20.69
CA VAL C 71 13.83 -9.39 -20.55
C VAL C 71 14.49 -8.19 -21.22
N THR C 72 15.35 -7.51 -20.48
CA THR C 72 16.12 -6.39 -21.00
C THR C 72 17.60 -6.77 -21.07
N ALA C 73 18.22 -6.47 -22.19
CA ALA C 73 19.63 -6.81 -22.44
C ALA C 73 20.30 -5.63 -23.14
N SER C 74 20.99 -4.80 -22.36
CA SER C 74 21.73 -3.68 -22.89
C SER C 74 23.19 -4.07 -23.13
N PHE C 75 23.91 -3.17 -23.79
CA PHE C 75 25.34 -3.40 -23.96
C PHE C 75 26.09 -3.03 -22.68
N PRO C 76 27.20 -3.71 -22.39
CA PRO C 76 28.01 -3.31 -21.23
C PRO C 76 28.52 -1.88 -21.32
N GLU C 77 28.80 -1.40 -22.53
CA GLU C 77 29.25 -0.02 -22.68
C GLU C 77 28.12 0.98 -22.41
N ASN C 78 26.89 0.63 -22.76
CA ASN C 78 25.74 1.53 -22.63
C ASN C 78 24.60 0.82 -21.93
N PRO C 79 24.64 0.72 -20.60
CA PRO C 79 23.45 0.29 -19.86
C PRO C 79 22.35 1.33 -19.96
N SER C 80 21.22 0.96 -20.55
CA SER C 80 20.21 1.94 -20.93
C SER C 80 19.55 2.55 -19.69
N GLU C 81 18.91 3.71 -19.89
CA GLU C 81 18.20 4.42 -18.85
C GLU C 81 16.70 4.51 -19.13
N ALA C 82 16.20 3.73 -20.09
CA ALA C 82 14.78 3.78 -20.43
C ALA C 82 13.95 3.02 -19.41
N VAL C 83 12.76 3.56 -19.12
CA VAL C 83 11.83 2.88 -18.22
C VAL C 83 11.24 1.67 -18.93
N ILE C 84 11.31 0.51 -18.28
CA ILE C 84 10.90 -0.75 -18.90
C ILE C 84 9.89 -1.45 -18.00
N PRO C 85 8.60 -1.08 -18.06
CA PRO C 85 7.60 -1.82 -17.32
C PRO C 85 7.31 -3.18 -17.95
N SER C 86 6.87 -4.11 -17.13
CA SER C 86 6.51 -5.44 -17.60
C SER C 86 5.04 -5.51 -18.00
N VAL C 87 4.15 -5.08 -17.11
CA VAL C 87 2.72 -5.03 -17.38
C VAL C 87 2.25 -3.60 -17.18
N LEU C 88 1.62 -3.03 -18.20
CA LEU C 88 1.15 -1.65 -18.17
C LEU C 88 -0.37 -1.67 -18.27
N VAL C 89 -1.04 -1.37 -17.16
CA VAL C 89 -2.49 -1.26 -17.12
C VAL C 89 -2.83 0.23 -17.10
N ASN C 90 -3.43 0.72 -18.19
CA ASN C 90 -3.73 2.13 -18.35
C ASN C 90 -5.24 2.31 -18.31
N THR C 91 -5.77 2.58 -17.12
CA THR C 91 -7.18 2.88 -16.97
C THR C 91 -7.45 4.30 -17.43
N LEU C 92 -8.40 4.47 -18.35
CA LEU C 92 -8.74 5.76 -18.91
C LEU C 92 -10.23 5.98 -18.81
N VAL C 93 -10.63 7.15 -18.31
CA VAL C 93 -12.03 7.54 -18.22
C VAL C 93 -12.23 8.76 -19.12
N GLY C 94 -13.18 8.66 -20.05
CA GLY C 94 -13.42 9.73 -20.99
C GLY C 94 -12.39 9.76 -22.11
N ALA C 95 -12.83 9.99 -23.33
CA ALA C 95 -11.90 10.06 -24.44
C ALA C 95 -11.09 11.35 -24.38
N PRO C 96 -9.81 11.31 -24.73
CA PRO C 96 -9.01 12.55 -24.75
C PRO C 96 -9.58 13.55 -25.74
N GLY C 97 -9.53 14.82 -25.37
CA GLY C 97 -10.09 15.85 -26.22
C GLY C 97 -11.61 15.84 -26.30
N GLU C 98 -12.27 15.15 -25.37
CA GLU C 98 -13.72 15.04 -25.36
C GLU C 98 -14.23 15.32 -23.96
N THR C 99 -15.41 15.94 -23.88
CA THR C 99 -15.99 16.29 -22.59
C THR C 99 -17.32 15.58 -22.39
N SER C 100 -17.34 14.27 -22.66
CA SER C 100 -18.57 13.50 -22.65
C SER C 100 -18.57 12.49 -21.50
N GLY C 101 -19.68 12.47 -20.76
CA GLY C 101 -19.92 11.39 -19.82
C GLY C 101 -19.05 11.42 -18.58
N GLY C 102 -18.87 10.23 -18.01
CA GLY C 102 -18.18 10.04 -16.75
C GLY C 102 -18.86 8.99 -15.91
N ASN C 103 -18.28 8.75 -14.74
CA ASN C 103 -18.79 7.76 -13.80
C ASN C 103 -19.24 8.44 -12.52
N ARG C 104 -20.41 8.05 -12.02
CA ARG C 104 -20.99 8.65 -10.84
C ARG C 104 -20.59 7.86 -9.58
N ASP C 105 -21.07 8.36 -8.44
CA ASP C 105 -20.76 7.83 -7.12
C ASP C 105 -21.18 6.37 -6.93
N PRO C 106 -22.38 5.94 -7.35
CA PRO C 106 -22.76 4.54 -7.11
C PRO C 106 -21.78 3.53 -7.69
N GLY C 107 -21.19 3.82 -8.85
CA GLY C 107 -20.18 2.98 -9.43
C GLY C 107 -18.77 3.52 -9.19
N HIS C 108 -17.79 2.73 -9.63
CA HIS C 108 -16.40 3.13 -9.50
C HIS C 108 -15.57 2.34 -10.50
N VAL C 109 -14.44 2.93 -10.87
CA VAL C 109 -13.49 2.30 -11.79
C VAL C 109 -12.36 1.69 -10.98
N ILE C 110 -11.94 0.49 -11.37
CA ILE C 110 -10.92 -0.27 -10.65
C ILE C 110 -9.72 -0.47 -11.58
N GLY C 111 -8.55 -0.05 -11.12
CA GLY C 111 -7.34 -0.28 -11.90
C GLY C 111 -7.01 -1.76 -12.01
N LEU C 112 -7.21 -2.50 -10.93
CA LEU C 112 -6.94 -3.94 -10.92
C LEU C 112 -7.82 -4.56 -9.85
N PHE C 113 -8.69 -5.48 -10.25
CA PHE C 113 -9.62 -6.15 -9.34
C PHE C 113 -9.12 -7.57 -9.12
N SER C 114 -8.73 -7.87 -7.88
CA SER C 114 -8.29 -9.21 -7.48
C SER C 114 -9.28 -9.75 -6.47
N GLU C 115 -10.03 -10.77 -6.88
CA GLU C 115 -11.08 -11.36 -6.04
C GLU C 115 -10.69 -12.79 -5.72
N THR C 116 -10.81 -13.17 -4.45
CA THR C 116 -10.50 -14.53 -4.02
C THR C 116 -11.80 -15.29 -3.84
N MET C 117 -11.96 -16.36 -4.62
CA MET C 117 -13.15 -17.20 -4.61
C MET C 117 -12.80 -18.52 -3.95
N ILE C 118 -13.18 -18.69 -2.68
CA ILE C 118 -12.86 -19.89 -1.92
C ILE C 118 -14.16 -20.52 -1.44
N GLU C 119 -14.34 -21.81 -1.75
CA GLU C 119 -15.49 -22.56 -1.28
C GLU C 119 -15.13 -23.98 -0.86
N ALA C 120 -13.84 -24.31 -0.78
CA ALA C 120 -13.36 -25.62 -0.38
C ALA C 120 -12.33 -25.46 0.74
N PRO C 121 -12.18 -26.47 1.59
CA PRO C 121 -11.21 -26.37 2.69
C PRO C 121 -9.79 -26.11 2.19
N CYS C 122 -9.28 -24.91 2.47
CA CYS C 122 -7.96 -24.50 2.01
C CYS C 122 -7.15 -23.97 3.18
N GLY C 123 -5.84 -24.23 3.14
CA GLY C 123 -4.96 -23.81 4.20
C GLY C 123 -4.69 -22.32 4.21
N THR C 124 -4.03 -21.82 3.16
CA THR C 124 -3.69 -20.41 3.06
C THR C 124 -3.89 -19.94 1.63
N ALA C 125 -4.17 -18.63 1.49
CA ALA C 125 -4.34 -18.00 0.19
C ALA C 125 -3.65 -16.65 0.21
N PHE C 126 -2.92 -16.35 -0.87
CA PHE C 126 -2.15 -15.13 -0.99
C PHE C 126 -2.79 -14.21 -2.01
N GLY C 127 -3.06 -12.97 -1.61
CA GLY C 127 -3.58 -11.98 -2.55
C GLY C 127 -2.53 -11.36 -3.44
N SER C 128 -1.26 -11.40 -3.02
CA SER C 128 -0.17 -10.84 -3.79
C SER C 128 1.14 -11.39 -3.24
N GLU C 129 2.22 -11.13 -3.96
CA GLU C 129 3.56 -11.53 -3.53
C GLU C 129 4.58 -10.72 -4.32
N PHE C 130 5.65 -10.30 -3.64
CA PHE C 130 6.71 -9.52 -4.25
C PHE C 130 8.04 -10.14 -3.84
N ARG C 131 8.72 -10.78 -4.79
CA ARG C 131 9.98 -11.44 -4.54
C ARG C 131 11.10 -10.78 -5.33
N VAL C 132 12.25 -10.63 -4.70
CA VAL C 132 13.46 -10.11 -5.34
C VAL C 132 14.56 -11.14 -5.17
N ASP C 133 15.24 -11.49 -6.26
CA ASP C 133 16.28 -12.51 -6.25
C ASP C 133 17.58 -11.88 -6.76
N PRO C 134 18.41 -11.32 -5.88
CA PRO C 134 19.73 -10.80 -6.28
C PRO C 134 20.72 -11.93 -6.51
N ARG C 135 20.69 -12.49 -7.71
CA ARG C 135 21.53 -13.64 -8.03
C ARG C 135 23.00 -13.25 -8.10
N ARG C 136 23.30 -12.17 -8.81
CA ARG C 136 24.69 -11.91 -9.15
C ARG C 136 25.17 -10.51 -8.82
N GLU C 137 24.34 -9.49 -9.04
CA GLU C 137 24.79 -8.11 -8.98
C GLU C 137 24.21 -7.38 -7.77
N HIS C 138 24.50 -6.09 -7.68
CA HIS C 138 24.05 -5.24 -6.58
C HIS C 138 22.95 -4.31 -7.09
N LEU C 139 21.84 -4.25 -6.35
CA LEU C 139 20.75 -3.35 -6.65
C LEU C 139 20.79 -2.20 -5.65
N ASP C 140 20.85 -0.97 -6.16
CA ASP C 140 21.01 0.19 -5.29
C ASP C 140 19.81 0.37 -4.36
N VAL C 141 18.60 0.21 -4.90
CA VAL C 141 17.39 0.43 -4.12
C VAL C 141 16.24 -0.32 -4.80
N TYR C 142 15.41 -0.96 -3.99
CA TYR C 142 14.20 -1.61 -4.47
C TYR C 142 13.03 -1.11 -3.65
N VAL C 143 11.90 -0.87 -4.32
CA VAL C 143 10.67 -0.42 -3.68
C VAL C 143 9.54 -1.33 -4.09
N ALA C 144 8.80 -1.85 -3.10
CA ALA C 144 7.66 -2.72 -3.40
C ALA C 144 6.50 -1.93 -3.99
N ILE C 145 6.13 -0.82 -3.36
CA ILE C 145 4.99 -0.01 -3.77
C ILE C 145 5.43 1.46 -3.83
N LYS C 146 5.22 2.09 -4.97
CA LYS C 146 5.57 3.48 -5.18
C LYS C 146 4.33 4.25 -5.62
N HIS C 147 4.12 5.43 -5.03
CA HIS C 147 2.99 6.28 -5.36
C HIS C 147 3.51 7.55 -6.03
N VAL C 148 3.00 7.84 -7.22
CA VAL C 148 3.41 8.99 -8.00
C VAL C 148 2.18 9.77 -8.43
N ILE C 149 2.23 11.09 -8.31
CA ILE C 149 1.17 11.98 -8.77
C ILE C 149 1.79 12.97 -9.73
N GLY C 150 1.17 13.11 -10.91
CA GLY C 150 1.69 13.98 -11.94
C GLY C 150 1.70 15.44 -11.54
N PRO C 151 2.69 16.19 -12.01
CA PRO C 151 2.77 17.61 -11.67
C PRO C 151 1.61 18.41 -12.24
N ASP C 152 1.23 19.47 -11.52
CA ASP C 152 0.08 20.27 -11.90
C ASP C 152 0.29 21.06 -13.18
N ASP C 153 1.55 21.22 -13.62
CA ASP C 153 1.80 21.99 -14.83
C ASP C 153 1.19 21.35 -16.07
N GLN C 154 0.99 20.03 -16.06
CA GLN C 154 0.38 19.33 -17.17
C GLN C 154 -1.03 18.85 -16.88
N ASN C 155 -1.36 18.59 -15.62
CA ASN C 155 -2.68 18.08 -15.23
C ASN C 155 -3.41 19.18 -14.48
N GLY C 156 -4.40 19.79 -15.13
CA GLY C 156 -5.17 20.86 -14.55
C GLY C 156 -6.32 20.42 -13.66
N GLY C 157 -6.51 19.11 -13.47
CA GLY C 157 -7.60 18.63 -12.65
C GLY C 157 -7.34 18.81 -11.16
N THR C 158 -8.42 18.62 -10.40
CA THR C 158 -8.37 18.75 -8.95
C THR C 158 -8.87 17.46 -8.32
N ILE C 159 -8.12 16.96 -7.34
CA ILE C 159 -8.47 15.73 -6.63
C ILE C 159 -9.02 16.14 -5.27
N GLY C 160 -10.31 15.90 -5.05
CA GLY C 160 -10.93 16.30 -3.79
C GLY C 160 -10.40 15.52 -2.60
N ASP C 161 -10.25 14.21 -2.75
CA ASP C 161 -9.80 13.36 -1.67
C ASP C 161 -8.80 12.35 -2.20
N TYR C 162 -7.82 12.01 -1.35
CA TYR C 162 -6.82 11.01 -1.66
C TYR C 162 -6.68 10.08 -0.48
N ILE C 163 -6.62 8.78 -0.75
CA ILE C 163 -6.46 7.77 0.29
C ILE C 163 -5.37 6.81 -0.14
N ILE C 164 -4.34 6.64 0.69
CA ILE C 164 -3.32 5.64 0.43
C ILE C 164 -3.86 4.24 0.65
N GLU C 165 -4.62 4.05 1.72
CA GLU C 165 -5.17 2.74 2.07
C GLU C 165 -6.40 2.94 2.92
N GLN C 166 -7.49 2.27 2.58
CA GLN C 166 -8.79 2.51 3.19
C GLN C 166 -9.41 1.18 3.59
N PHE C 167 -9.74 1.03 4.87
CA PHE C 167 -10.31 -0.20 5.40
C PHE C 167 -11.62 0.12 6.12
N ASP C 168 -12.71 -0.49 5.65
CA ASP C 168 -14.02 -0.21 6.21
C ASP C 168 -14.22 -0.97 7.51
N ASP C 169 -15.42 -0.83 8.06
CA ASP C 169 -15.88 -1.60 9.20
C ASP C 169 -17.10 -2.42 8.82
N MET C 170 -17.05 -3.69 9.15
CA MET C 170 -18.13 -4.62 8.86
C MET C 170 -18.44 -5.45 10.10
N ARG C 171 -18.55 -4.79 11.25
CA ARG C 171 -18.89 -5.50 12.48
C ARG C 171 -20.25 -6.15 12.39
N GLY C 172 -21.19 -5.51 11.71
CA GLY C 172 -22.51 -6.08 11.50
C GLY C 172 -22.55 -7.12 10.40
N PRO C 173 -22.26 -6.70 9.16
CA PRO C 173 -22.36 -7.62 8.02
C PRO C 173 -21.42 -8.81 8.10
N VAL C 174 -20.29 -8.70 8.78
CA VAL C 174 -19.31 -9.78 8.85
C VAL C 174 -19.09 -10.15 10.31
N GLN C 175 -19.26 -11.44 10.62
CA GLN C 175 -18.94 -11.97 11.94
C GLN C 175 -18.01 -13.18 11.90
N ASN C 176 -17.74 -13.75 10.72
CA ASN C 176 -17.03 -15.02 10.61
C ASN C 176 -15.52 -14.86 10.65
N ILE C 177 -15.00 -13.64 10.74
CA ILE C 177 -13.56 -13.44 10.81
C ILE C 177 -13.07 -13.83 12.19
N GLY C 178 -12.22 -14.87 12.25
CA GLY C 178 -11.69 -15.30 13.53
C GLY C 178 -10.81 -14.25 14.19
N SER C 179 -9.90 -13.68 13.40
CA SER C 179 -8.98 -12.65 13.89
C SER C 179 -8.32 -11.99 12.70
N LEU C 180 -8.23 -10.66 12.73
CA LEU C 180 -7.58 -9.90 11.68
C LEU C 180 -6.51 -9.01 12.32
N GLN C 181 -5.32 -9.01 11.73
CA GLN C 181 -4.18 -8.32 12.32
C GLN C 181 -3.32 -7.74 11.20
N GLN C 182 -2.17 -7.20 11.58
CA GLN C 182 -1.22 -6.61 10.65
C GLN C 182 0.16 -6.75 11.27
N ASN C 183 0.99 -7.62 10.69
CA ASN C 183 2.22 -8.06 11.33
C ASN C 183 3.45 -7.51 10.62
N TYR C 184 4.44 -7.12 11.41
CA TYR C 184 5.77 -6.72 10.93
C TYR C 184 6.78 -7.42 11.82
N LEU C 185 7.19 -8.62 11.43
CA LEU C 185 8.03 -9.46 12.26
C LEU C 185 9.52 -9.15 12.13
N ASP C 186 9.90 -8.23 11.25
CA ASP C 186 11.30 -7.85 11.09
C ASP C 186 11.49 -6.40 11.53
N PRO C 187 12.01 -6.16 12.73
CA PRO C 187 12.19 -4.78 13.20
C PRO C 187 13.26 -3.98 12.50
N ARG C 188 13.88 -4.51 11.44
CA ARG C 188 14.88 -3.73 10.70
C ARG C 188 14.29 -2.48 10.07
N LEU C 189 13.03 -2.54 9.64
CA LEU C 189 12.41 -1.42 8.95
C LEU C 189 12.22 -0.24 9.89
N VAL C 190 12.23 0.96 9.31
CA VAL C 190 12.04 2.20 10.06
C VAL C 190 10.88 2.97 9.44
N THR C 191 9.99 3.46 10.29
CA THR C 191 8.80 4.20 9.85
C THR C 191 9.11 5.68 9.94
N THR C 192 9.37 6.30 8.78
CA THR C 192 9.63 7.74 8.71
C THR C 192 8.31 8.47 8.43
N HIS C 193 7.42 8.39 9.41
CA HIS C 193 6.09 8.98 9.30
C HIS C 193 6.18 10.46 9.64
N LEU C 194 6.05 11.31 8.63
CA LEU C 194 6.16 12.76 8.81
C LEU C 194 4.81 13.44 9.05
N GLY C 195 3.71 12.70 9.03
CA GLY C 195 2.39 13.27 9.23
C GLY C 195 1.86 13.06 10.63
N GLY C 196 0.59 13.43 10.81
CA GLY C 196 -0.07 13.27 12.08
C GLY C 196 -0.59 11.87 12.30
N ASN C 197 -1.27 11.69 13.44
CA ASN C 197 -1.83 10.40 13.79
C ASN C 197 -3.03 10.61 14.69
N VAL C 198 -3.90 9.60 14.73
CA VAL C 198 -5.11 9.61 15.54
C VAL C 198 -5.29 8.23 16.16
N VAL C 199 -5.71 8.22 17.43
CA VAL C 199 -5.95 6.99 18.15
C VAL C 199 -7.39 6.97 18.65
N ASN C 200 -7.90 5.76 18.88
CA ASN C 200 -9.27 5.58 19.33
C ASN C 200 -9.41 6.05 20.78
N THR C 201 -10.62 6.45 21.14
CA THR C 201 -10.95 6.82 22.52
C THR C 201 -12.33 6.27 22.88
N GLN C 202 -12.54 6.06 24.18
CA GLN C 202 -13.80 5.51 24.66
C GLN C 202 -13.97 5.92 26.12
N GLN C 203 -15.24 5.96 26.55
CA GLN C 203 -15.58 6.29 27.93
C GLN C 203 -16.04 5.02 28.65
N LEU C 204 -15.40 4.72 29.78
CA LEU C 204 -15.72 3.51 30.53
C LEU C 204 -16.81 3.78 31.56
N THR C 205 -17.78 2.86 31.63
CA THR C 205 -18.81 2.92 32.65
C THR C 205 -19.08 1.56 33.29
N GLN C 206 -18.74 0.46 32.63
CA GLN C 206 -18.88 -0.87 33.21
C GLN C 206 -17.52 -1.56 33.20
N ASN C 207 -17.41 -2.60 34.02
CA ASN C 207 -16.18 -3.38 34.10
C ASN C 207 -15.88 -4.04 32.75
N ILE C 208 -14.61 -4.01 32.34
CA ILE C 208 -14.20 -4.51 31.03
C ILE C 208 -13.00 -5.43 31.18
N THR C 209 -12.78 -6.24 30.14
CA THR C 209 -11.64 -7.14 30.04
C THR C 209 -10.78 -6.69 28.87
N LEU C 210 -9.57 -6.23 29.16
CA LEU C 210 -8.68 -5.72 28.13
C LEU C 210 -8.07 -6.87 27.33
N THR C 211 -8.03 -6.68 26.02
CA THR C 211 -7.43 -7.63 25.09
C THR C 211 -6.43 -6.88 24.22
N LYS C 212 -5.98 -7.54 23.15
CA LYS C 212 -5.02 -6.91 22.24
C LYS C 212 -5.65 -5.79 21.43
N GLN C 213 -6.98 -5.76 21.28
CA GLN C 213 -7.61 -4.69 20.52
C GLN C 213 -7.58 -3.37 21.28
N GLN C 214 -7.72 -3.42 22.59
CA GLN C 214 -7.71 -2.24 23.44
C GLN C 214 -6.32 -1.62 23.59
N SER C 215 -5.32 -2.12 22.88
CA SER C 215 -3.99 -1.52 22.97
C SER C 215 -4.02 -0.08 22.51
N GLY C 216 -3.74 0.83 23.45
CA GLY C 216 -3.44 2.20 23.12
C GLY C 216 -4.59 3.17 23.05
N TRP C 217 -5.83 2.76 23.31
CA TRP C 217 -6.83 3.81 23.32
C TRP C 217 -6.82 4.56 24.65
N PHE C 218 -7.68 5.57 24.75
CA PHE C 218 -7.81 6.38 25.95
C PHE C 218 -9.17 6.07 26.58
N PHE C 219 -9.16 5.84 27.90
CA PHE C 219 -10.35 5.40 28.62
C PHE C 219 -10.79 6.47 29.59
N MET C 220 -12.09 6.78 29.59
CA MET C 220 -12.69 7.78 30.46
C MET C 220 -13.59 7.08 31.46
N SER C 221 -13.19 7.07 32.73
CA SER C 221 -14.01 6.45 33.78
C SER C 221 -15.10 7.43 34.16
N GLN C 222 -16.30 7.22 33.62
CA GLN C 222 -17.44 8.11 33.84
C GLN C 222 -18.55 7.34 34.54
N GLY C 223 -19.11 7.92 35.59
CA GLY C 223 -20.17 7.32 36.35
C GLY C 223 -19.92 7.51 37.84
N THR C 224 -20.65 6.73 38.64
CA THR C 224 -20.51 6.76 40.10
C THR C 224 -20.00 5.45 40.67
N THR C 225 -20.44 4.32 40.14
CA THR C 225 -19.99 3.02 40.61
C THR C 225 -18.59 2.74 40.09
N GLU C 226 -17.83 1.96 40.87
CA GLU C 226 -16.46 1.65 40.52
C GLU C 226 -16.40 0.80 39.25
N ILE C 227 -15.38 1.04 38.45
CA ILE C 227 -15.17 0.36 37.17
C ILE C 227 -13.91 -0.47 37.27
N THR C 228 -14.03 -1.77 36.98
CA THR C 228 -12.91 -2.70 37.10
C THR C 228 -12.42 -3.09 35.71
N VAL C 229 -11.11 -3.01 35.51
CA VAL C 229 -10.46 -3.40 34.27
C VAL C 229 -9.60 -4.62 34.55
N THR C 230 -9.86 -5.71 33.83
CA THR C 230 -9.14 -6.96 34.01
C THR C 230 -8.30 -7.24 32.77
N LEU C 231 -6.99 -7.40 32.96
CA LEU C 231 -6.08 -7.68 31.86
C LEU C 231 -6.16 -9.16 31.52
N GLY C 232 -6.70 -9.48 30.35
CA GLY C 232 -6.89 -10.85 29.94
C GLY C 232 -5.58 -11.55 29.62
N PRO C 233 -5.59 -12.89 29.66
CA PRO C 233 -4.36 -13.63 29.33
C PRO C 233 -3.89 -13.44 27.91
N ASP C 234 -4.77 -13.07 26.99
CA ASP C 234 -4.38 -12.88 25.59
C ASP C 234 -3.51 -11.64 25.39
N VAL C 235 -3.45 -10.75 26.37
CA VAL C 235 -2.64 -9.55 26.25
C VAL C 235 -1.16 -9.93 26.22
N THR C 236 -0.44 -9.41 25.23
CA THR C 236 0.95 -9.72 24.98
C THR C 236 1.85 -8.58 25.47
N PRO C 237 3.03 -8.89 25.99
CA PRO C 237 3.97 -7.82 26.37
C PRO C 237 4.31 -6.93 25.18
N GLY C 238 4.42 -5.63 25.45
CA GLY C 238 4.73 -4.63 24.45
C GLY C 238 3.68 -3.53 24.33
N CYS C 239 2.41 -3.82 24.58
CA CYS C 239 1.38 -2.81 24.45
C CYS C 239 1.35 -1.92 25.69
N HIS C 240 0.63 -0.80 25.57
CA HIS C 240 0.47 0.13 26.68
C HIS C 240 -0.89 0.80 26.57
N PHE C 241 -1.49 1.08 27.73
CA PHE C 241 -2.79 1.72 27.80
C PHE C 241 -2.71 2.91 28.74
N HIS C 242 -3.58 3.90 28.50
CA HIS C 242 -3.63 5.12 29.28
C HIS C 242 -5.02 5.30 29.85
N PHE C 243 -5.10 5.61 31.14
CA PHE C 243 -6.36 5.83 31.84
C PHE C 243 -6.31 7.18 32.55
N ILE C 244 -7.39 7.95 32.43
CA ILE C 244 -7.55 9.20 33.17
C ILE C 244 -8.97 9.29 33.68
N GLN C 245 -9.10 9.65 34.96
CA GLN C 245 -10.41 9.68 35.63
C GLN C 245 -10.99 11.08 35.54
N GLY C 246 -12.17 11.19 34.95
CA GLY C 246 -12.84 12.48 34.84
C GLY C 246 -14.04 12.62 35.76
N SER C 247 -14.36 11.56 36.49
CA SER C 247 -15.53 11.58 37.36
C SER C 247 -15.17 11.19 38.80
N ALA C 248 -16.18 11.03 39.64
CA ALA C 248 -15.94 10.68 41.04
C ALA C 248 -15.73 9.18 41.23
N ALA C 249 -16.20 8.36 40.28
CA ALA C 249 -16.08 6.92 40.42
C ALA C 249 -14.61 6.50 40.38
N LYS C 250 -14.29 5.48 41.18
CA LYS C 250 -12.92 4.99 41.26
C LYS C 250 -12.70 3.88 40.24
N ILE C 251 -11.43 3.60 39.96
CA ILE C 251 -11.02 2.61 38.96
C ILE C 251 -10.23 1.52 39.65
N LYS C 252 -10.65 0.28 39.46
CA LYS C 252 -9.97 -0.88 39.99
C LYS C 252 -9.31 -1.65 38.85
N PHE C 253 -8.19 -2.31 39.16
CA PHE C 253 -7.41 -3.03 38.16
C PHE C 253 -7.11 -4.43 38.64
N ALA C 254 -7.12 -5.37 37.70
CA ALA C 254 -6.77 -6.77 37.99
C ALA C 254 -6.04 -7.34 36.80
N VAL C 255 -5.25 -8.39 37.06
CA VAL C 255 -4.43 -9.01 36.03
C VAL C 255 -4.67 -10.51 36.02
N SER C 256 -4.30 -11.14 34.90
CA SER C 256 -4.43 -12.58 34.76
C SER C 256 -3.45 -13.29 35.68
N PRO C 257 -3.73 -14.55 36.04
CA PRO C 257 -2.83 -15.27 36.96
C PRO C 257 -1.40 -15.39 36.45
N ASP C 258 -1.21 -15.44 35.13
CA ASP C 258 0.15 -15.55 34.60
C ASP C 258 0.91 -14.22 34.61
N LYS C 259 0.26 -13.13 35.02
CA LYS C 259 0.91 -11.84 35.18
C LYS C 259 1.05 -11.51 36.65
N ALA C 260 2.22 -11.02 37.05
CA ALA C 260 2.49 -10.58 38.41
C ALA C 260 2.48 -9.06 38.44
N TRP C 261 1.71 -8.49 39.36
CA TRP C 261 1.59 -7.04 39.44
C TRP C 261 2.89 -6.42 39.92
N TYR C 262 3.35 -5.39 39.20
CA TYR C 262 4.54 -4.64 39.56
C TYR C 262 4.17 -3.17 39.57
N ALA C 263 4.41 -2.49 40.70
CA ALA C 263 4.07 -1.08 40.82
C ALA C 263 4.89 -0.47 41.94
N LYS C 264 4.97 0.86 41.92
CA LYS C 264 5.67 1.61 42.96
C LYS C 264 4.70 1.83 44.12
N GLY C 265 5.00 1.24 45.27
CA GLY C 265 4.12 1.31 46.42
C GLY C 265 2.98 0.31 46.43
N ASN C 266 2.90 -0.57 45.43
CA ASN C 266 1.87 -1.61 45.36
C ASN C 266 0.47 -0.98 45.38
N GLN C 267 0.20 -0.17 44.37
CA GLN C 267 -1.07 0.53 44.24
C GLN C 267 -1.97 -0.21 43.25
N THR C 268 -3.21 -0.46 43.67
CA THR C 268 -4.16 -1.23 42.86
C THR C 268 -5.30 -0.39 42.31
N GLU C 269 -5.28 0.93 42.52
CA GLU C 269 -6.34 1.78 42.02
C GLU C 269 -5.81 3.20 41.86
N THR C 270 -6.53 3.99 41.07
CA THR C 270 -6.18 5.39 40.93
C THR C 270 -6.40 6.12 42.25
N ASP C 271 -5.61 7.17 42.49
CA ASP C 271 -5.70 7.88 43.77
C ASP C 271 -6.94 8.76 43.84
N GLY C 272 -7.31 9.41 42.73
CA GLY C 272 -8.45 10.30 42.75
C GLY C 272 -8.79 10.75 41.35
N GLN C 273 -9.69 11.73 41.27
CA GLN C 273 -10.09 12.29 39.99
C GLN C 273 -8.92 13.02 39.36
N PHE C 274 -8.88 13.02 38.03
CA PHE C 274 -7.80 13.59 37.22
C PHE C 274 -6.46 12.91 37.47
N GLY C 275 -6.48 11.67 37.93
CA GLY C 275 -5.25 10.92 38.15
C GLY C 275 -4.97 10.01 36.98
N GLU C 276 -3.76 10.14 36.42
CA GLU C 276 -3.36 9.37 35.26
C GLU C 276 -2.77 8.02 35.68
N CYS C 277 -3.00 7.01 34.84
CA CYS C 277 -2.50 5.67 35.07
C CYS C 277 -2.07 5.06 33.75
N THR C 278 -0.78 4.80 33.59
CA THR C 278 -0.23 4.18 32.40
C THR C 278 0.09 2.72 32.72
N ILE C 279 -0.54 1.80 31.98
CA ILE C 279 -0.35 0.38 32.16
C ILE C 279 0.53 -0.12 31.01
N ARG C 280 1.68 -0.69 31.36
CA ARG C 280 2.63 -1.21 30.37
C ARG C 280 2.91 -2.67 30.66
N VAL C 281 3.03 -3.47 29.60
CA VAL C 281 3.27 -4.90 29.72
C VAL C 281 4.69 -5.19 29.23
N TYR C 282 5.43 -5.97 30.02
CA TYR C 282 6.81 -6.33 29.77
C TYR C 282 6.90 -7.85 29.78
N PRO C 283 7.97 -8.44 29.21
CA PRO C 283 8.03 -9.91 29.09
C PRO C 283 7.79 -10.67 30.38
N PHE C 284 7.55 -11.98 30.25
CA PHE C 284 7.17 -12.88 31.33
C PHE C 284 6.16 -12.23 32.28
N GLY C 285 5.12 -11.65 31.67
CA GLY C 285 3.98 -11.16 32.41
C GLY C 285 4.26 -10.03 33.39
N GLY C 286 5.08 -9.07 33.01
CA GLY C 286 5.37 -7.95 33.90
C GLY C 286 4.46 -6.76 33.69
N THR C 287 3.46 -6.60 34.54
CA THR C 287 2.50 -5.50 34.43
C THR C 287 2.99 -4.35 35.32
N VAL C 288 3.25 -3.20 34.71
CA VAL C 288 3.75 -2.03 35.42
C VAL C 288 2.70 -0.93 35.31
N GLY C 289 2.23 -0.44 36.46
CA GLY C 289 1.27 0.64 36.47
C GLY C 289 1.85 1.92 37.05
N THR C 290 2.09 2.90 36.19
CA THR C 290 2.60 4.20 36.62
C THR C 290 1.42 5.10 36.96
N PHE C 291 1.38 5.59 38.19
CA PHE C 291 0.26 6.38 38.69
C PHE C 291 0.70 7.82 38.90
N LYS C 292 -0.23 8.74 38.70
CA LYS C 292 -0.01 10.16 38.94
C LYS C 292 -1.01 10.65 39.97
N SER C 293 -0.59 11.60 40.80
CA SER C 293 -1.43 12.12 41.86
C SER C 293 -2.64 12.86 41.27
N ALA C 294 -3.74 12.85 42.04
CA ALA C 294 -4.95 13.53 41.60
C ALA C 294 -4.71 15.03 41.44
N ALA C 295 -3.99 15.64 42.38
CA ALA C 295 -3.67 17.06 42.29
C ALA C 295 -2.62 17.32 41.22
#